data_7L1U
#
_entry.id   7L1U
#
_cell.length_a   1.00
_cell.length_b   1.00
_cell.length_c   1.00
_cell.angle_alpha   90.00
_cell.angle_beta   90.00
_cell.angle_gamma   90.00
#
_symmetry.space_group_name_H-M   'P 1'
#
loop_
_entity.id
_entity.type
_entity.pdbx_description
1 polymer 'Engineered Guanine nucleotide-binding protein subunit alpha'
2 polymer 'Guanine nucleotide-binding protein G(I)/G(S)/G(T) subunit beta-1'
3 polymer 'Guanine nucleotide-binding protein G(I)/G(S)/G(O) subunit gamma-2'
4 polymer 'single-chain antibody Fv fragment (svFv16)'
5 polymer 'Hypocretin receptor type 2'
6 polymer Orexin
#
loop_
_entity_poly.entity_id
_entity_poly.type
_entity_poly.pdbx_seq_one_letter_code
_entity_poly.pdbx_strand_id
1 'polypeptide(L)'
;GTLSAEDKAAVERSKMIEKQLQKDKQVYRRTLRLLLLGADNSGKSTIVKQMRILHGGSGGSGGTSGIFETKFQVDKVNFH
MFDVGGQRDERRKWIQCFNDVTAIIFVVDSSDYNRLQEALNDFKSIWNNRWLRTISVILFLNKQDLLAEKVLAGKSKIED
YFPEFARYTTPEDATPEPGEDPRVTRAKYFIRKEFVDISTASGDGRHICYPHFTCAVDTENARRIFNDCKDIILQMNLRE
YNLV
;
A
2 'polypeptide(L)'
;MGHHHHHHHHSELDQLRQEAEQLKNQIRDARKACADATLSQITNNIDPVGRIQMRTRRTLRGHLAKIYAMHWGTDSRLLV
SASQDGKLIIWDSYTTNKVHAIPLRSSWVMTCAYAPSGNYVACGGLDNICSIYNLKTREGNVRVSRELAGHTGYLSCCRF
LDDNQIVTSSGDTTCALWDIETGQQTTTFTGHTGDVMSLSLAPDTRLFVSGACDASAKLWDVREGMCRQTFTGHESDINA
ICFFPNGNAFATGSDDATCRLFDLRADQELMTYSHDNIICGITSVSFSKSGRLLLAGYDDFNCNVWDALKADRAGVLAGH
DNRVSCLGVTDDGMAVATGSWDSFLKIWN
;
B
3 'polypeptide(L)' MASNNTASIAQARKLVEQLKMEANIDRIKVSKAAADLMAYCEAHAKEDPLLTPVPASENPFREKKFFSAIL C
4 'polypeptide(L)'
;GSDVQLVESGGGLVQPGGSRKLSCSASGFAFSSFGMHWVRQAPEKGLEWVAYISSGSGTIYYADTVKGRFTISRDDPKNT
LFLQMTSLRSEDTAMYYCVRSIYYYGSSPFDFWGQGTTLTVSSGGGGSGGGGSGGGGSDIVMTQATSSVPVTPGESVSIS
CRSSKSLLHSNGNTYLYWFLQRPGQSPQLLIYRMSNLASGVPDRFSGSGSGTAFTLTISRLEAEDVGVYYCMQHLEYPLT
FGAGTKLELK
;
H
5 'polypeptide(L)'
;DYKDDDAMGTKLEDSPPCRNWSSASELNETQEPFLNPTDYDDEEFLRYLWREYLHPKEYEWVLIAGYIIVFVVALIGNVL
VCVAVWKNHHMRTVTNYFIVNLSLADVLVTITCLPATLVVDITETWFFGQSLCKVIPYLQTVSVSVSVLTLSCIALDRWY
AICHPLMFKSTAKRARNSIVIIWIVSCIIMIPQAIVMECSTVFPGLANKTTLFTVCDERWGGEIYPKMYHICFFLVTYMA
PLCLMVLAYLQIFRKLWCRQIPGTSSEIKQIRARRKTARMLMVVLLVFAICYLPISILNVLKRVFGMFAHTEDRETVYAW
FTFSHWLVYANSAANPIIYNFLSGKFREEFKAAFSCCCLGVHHRHHHHHHHHHH
;
R
6 'polypeptide(L)' RSGPPGLQGRLQRLLQASGNHAAGILTM(NH2) L
#
# COMPACT_ATOMS: atom_id res chain seq x y z
N THR A 2 7.66 -8.70 -26.33
CA THR A 2 6.75 -9.33 -27.27
C THR A 2 5.33 -8.85 -27.07
N LEU A 3 5.18 -7.73 -26.36
CA LEU A 3 3.88 -7.12 -26.17
C LEU A 3 3.38 -6.53 -27.48
N SER A 4 2.07 -6.39 -27.59
CA SER A 4 1.47 -5.80 -28.78
C SER A 4 1.54 -4.28 -28.69
N ALA A 5 0.80 -3.58 -29.54
CA ALA A 5 0.79 -2.13 -29.47
C ALA A 5 -0.13 -1.62 -28.36
N GLU A 6 -1.32 -2.20 -28.27
CA GLU A 6 -2.26 -1.81 -27.21
C GLU A 6 -1.75 -2.22 -25.85
N ASP A 7 -0.99 -3.30 -25.76
CA ASP A 7 -0.44 -3.71 -24.48
C ASP A 7 0.65 -2.75 -24.01
N LYS A 8 1.47 -2.26 -24.94
CA LYS A 8 2.48 -1.27 -24.59
C LYS A 8 1.86 0.04 -24.15
N ALA A 9 0.76 0.45 -24.80
CA ALA A 9 0.08 1.66 -24.36
C ALA A 9 -0.61 1.47 -23.01
N ALA A 10 -1.08 0.26 -22.72
CA ALA A 10 -1.66 0.00 -21.41
C ALA A 10 -0.62 0.06 -20.30
N VAL A 11 0.58 -0.44 -20.58
CA VAL A 11 1.67 -0.35 -19.60
C VAL A 11 2.09 1.10 -19.38
N GLU A 12 2.04 1.92 -20.43
CA GLU A 12 2.33 3.34 -20.28
C GLU A 12 1.28 4.04 -19.42
N ARG A 13 0.01 3.65 -19.55
CA ARG A 13 -1.05 4.20 -18.71
C ARG A 13 -0.87 3.80 -17.25
N SER A 14 -0.48 2.55 -17.00
CA SER A 14 -0.18 2.11 -15.65
C SER A 14 0.99 2.87 -15.04
N LYS A 15 2.00 3.21 -15.84
CA LYS A 15 3.14 3.96 -15.32
C LYS A 15 2.75 5.39 -14.97
N MET A 16 1.87 6.01 -15.75
CA MET A 16 1.43 7.37 -15.40
C MET A 16 0.59 7.37 -14.13
N ILE A 17 -0.22 6.32 -13.94
CA ILE A 17 -0.98 6.19 -12.69
C ILE A 17 -0.04 6.03 -11.50
N GLU A 18 1.04 5.25 -11.67
CA GLU A 18 2.01 5.08 -10.59
C GLU A 18 2.76 6.38 -10.26
N LYS A 19 3.02 7.22 -11.27
CA LYS A 19 3.63 8.52 -11.00
C LYS A 19 2.73 9.40 -10.16
N GLN A 20 1.43 9.43 -10.49
CA GLN A 20 0.48 10.22 -9.69
C GLN A 20 0.37 9.68 -8.26
N LEU A 21 0.42 8.36 -8.11
CA LEU A 21 0.34 7.75 -6.79
C LEU A 21 1.58 8.06 -5.95
N GLN A 22 2.75 8.15 -6.57
CA GLN A 22 3.94 8.49 -5.78
C GLN A 22 3.95 9.96 -5.38
N LYS A 23 3.39 10.85 -6.22
CA LYS A 23 3.21 12.23 -5.79
C LYS A 23 2.27 12.33 -4.61
N ASP A 24 1.18 11.54 -4.64
CA ASP A 24 0.26 11.56 -3.51
C ASP A 24 0.85 10.92 -2.27
N LYS A 25 1.78 9.98 -2.43
CA LYS A 25 2.48 9.44 -1.27
C LYS A 25 3.38 10.48 -0.63
N GLN A 26 4.07 11.28 -1.45
CA GLN A 26 4.91 12.35 -0.92
C GLN A 26 4.08 13.38 -0.16
N VAL A 27 2.85 13.63 -0.61
CA VAL A 27 1.98 14.51 0.15
C VAL A 27 1.45 13.85 1.41
N TYR A 28 1.18 12.54 1.36
CA TYR A 28 0.50 11.84 2.44
C TYR A 28 1.44 11.48 3.60
N ARG A 29 2.72 11.29 3.33
CA ARG A 29 3.65 10.88 4.38
C ARG A 29 3.90 11.99 5.39
N ARG A 30 3.78 13.25 4.98
CA ARG A 30 4.12 14.40 5.81
C ARG A 30 2.91 14.98 6.54
N THR A 31 1.78 14.30 6.54
CA THR A 31 0.62 14.82 7.25
C THR A 31 0.44 14.03 8.54
N LEU A 32 -0.22 14.66 9.50
CA LEU A 32 -0.36 14.10 10.84
C LEU A 32 -1.83 13.95 11.17
N ARG A 33 -2.27 12.74 11.46
CA ARG A 33 -3.65 12.44 11.77
C ARG A 33 -3.83 12.45 13.28
N LEU A 34 -4.95 12.98 13.75
CA LEU A 34 -5.25 13.02 15.18
C LEU A 34 -6.69 12.63 15.39
N LEU A 35 -6.93 11.53 16.10
CA LEU A 35 -8.31 11.13 16.35
C LEU A 35 -8.83 11.88 17.57
N LEU A 36 -9.92 12.61 17.40
CA LEU A 36 -10.46 13.39 18.51
C LEU A 36 -11.58 12.63 19.19
N LEU A 37 -11.52 12.53 20.52
CA LEU A 37 -12.53 11.80 21.28
C LEU A 37 -12.91 12.59 22.51
N GLY A 38 -14.06 12.28 23.07
CA GLY A 38 -14.51 12.99 24.24
C GLY A 38 -15.97 12.70 24.51
N ALA A 39 -16.44 13.29 25.59
CA ALA A 39 -17.82 13.08 26.02
C ALA A 39 -18.74 14.03 25.27
N ASP A 40 -20.02 14.04 25.64
CA ASP A 40 -21.00 14.88 24.97
C ASP A 40 -20.95 16.33 25.41
N ASN A 41 -20.74 16.57 26.70
CA ASN A 41 -20.71 17.93 27.24
C ASN A 41 -19.29 18.48 27.34
N SER A 42 -18.32 17.85 26.69
CA SER A 42 -16.93 18.23 26.82
C SER A 42 -16.55 19.37 25.92
N GLY A 43 -17.28 19.60 24.84
CA GLY A 43 -16.92 20.67 23.94
C GLY A 43 -15.69 20.41 23.12
N LYS A 44 -15.60 19.24 22.49
CA LYS A 44 -14.54 19.03 21.52
C LYS A 44 -14.78 19.87 20.27
N SER A 45 -16.05 20.05 19.92
CA SER A 45 -16.37 20.84 18.74
C SER A 45 -16.02 22.31 18.90
N THR A 46 -16.02 22.82 20.14
CA THR A 46 -15.64 24.20 20.31
C THR A 46 -14.12 24.37 20.25
N ILE A 47 -13.36 23.33 20.60
CA ILE A 47 -11.92 23.35 20.33
C ILE A 47 -11.67 23.36 18.82
N VAL A 48 -12.41 22.52 18.08
CA VAL A 48 -12.13 22.41 16.65
C VAL A 48 -12.61 23.66 15.89
N LYS A 49 -13.78 24.19 16.27
CA LYS A 49 -14.30 25.38 15.59
C LYS A 49 -13.54 26.63 15.99
N GLN A 50 -13.04 26.69 17.23
CA GLN A 50 -12.28 27.85 17.67
C GLN A 50 -10.84 27.80 17.15
N MET A 51 -10.42 26.68 16.57
CA MET A 51 -9.18 26.67 15.82
C MET A 51 -9.43 26.07 14.44
N ILE A 67 -19.35 17.60 11.61
CA ILE A 67 -18.15 17.76 10.81
C ILE A 67 -17.11 16.75 11.25
N PHE A 68 -16.90 15.70 10.47
CA PHE A 68 -15.87 14.73 10.82
C PHE A 68 -14.51 15.39 10.70
N GLU A 69 -14.07 15.66 9.48
CA GLU A 69 -12.68 15.97 9.23
C GLU A 69 -12.44 17.47 9.27
N THR A 70 -11.23 17.83 9.64
CA THR A 70 -10.82 19.22 9.77
C THR A 70 -9.32 19.28 9.55
N LYS A 71 -8.90 20.12 8.62
CA LYS A 71 -7.47 20.27 8.35
C LYS A 71 -7.03 21.66 8.78
N PHE A 72 -5.90 21.71 9.48
CA PHE A 72 -5.33 23.01 9.84
C PHE A 72 -3.81 22.91 9.72
N GLN A 73 -3.14 24.05 9.92
CA GLN A 73 -1.71 24.09 9.73
C GLN A 73 -1.05 24.83 10.89
N VAL A 74 0.10 24.32 11.32
CA VAL A 74 0.99 25.06 12.20
C VAL A 74 2.38 25.00 11.59
N ASP A 75 2.94 26.17 11.26
CA ASP A 75 4.32 26.34 10.79
C ASP A 75 4.63 25.48 9.57
N LYS A 76 3.71 25.51 8.60
CA LYS A 76 3.73 24.70 7.38
C LYS A 76 3.78 23.20 7.69
N VAL A 77 3.10 22.77 8.75
CA VAL A 77 2.85 21.35 9.00
C VAL A 77 1.35 21.13 9.03
N ASN A 78 0.89 20.10 8.30
CA ASN A 78 -0.52 19.87 8.03
C ASN A 78 -1.10 18.86 9.02
N PHE A 79 -1.97 19.32 9.91
CA PHE A 79 -2.69 18.44 10.82
C PHE A 79 -4.06 18.14 10.26
N HIS A 80 -4.53 16.92 10.46
CA HIS A 80 -5.74 16.40 9.83
C HIS A 80 -6.54 15.64 10.87
N MET A 81 -7.48 16.30 11.52
CA MET A 81 -8.13 15.82 12.73
C MET A 81 -9.58 15.47 12.46
N PHE A 82 -10.01 14.28 12.88
CA PHE A 82 -11.37 13.82 12.58
C PHE A 82 -12.10 13.29 13.81
N ASP A 83 -13.29 13.82 14.04
CA ASP A 83 -14.14 13.44 15.16
C ASP A 83 -15.18 12.47 14.62
N VAL A 84 -14.95 11.18 14.80
CA VAL A 84 -15.93 10.19 14.38
C VAL A 84 -16.95 10.07 15.50
N GLY A 85 -18.12 10.65 15.30
CA GLY A 85 -19.10 10.73 16.37
C GLY A 85 -20.52 10.58 15.87
N GLY A 86 -20.67 10.21 14.61
CA GLY A 86 -21.99 9.97 14.06
C GLY A 86 -22.57 8.61 14.35
N GLN A 87 -21.86 7.76 15.08
CA GLN A 87 -22.33 6.45 15.46
C GLN A 87 -22.74 6.44 16.94
N ARG A 88 -23.14 5.28 17.42
CA ARG A 88 -23.72 5.17 18.75
C ARG A 88 -22.61 4.84 19.77
N ASP A 89 -23.01 4.50 20.99
CA ASP A 89 -22.10 4.41 22.12
C ASP A 89 -21.16 3.20 22.08
N GLU A 90 -21.29 2.32 21.10
CA GLU A 90 -20.39 1.18 20.97
C GLU A 90 -19.26 1.60 20.03
N ARG A 91 -18.15 2.04 20.61
CA ARG A 91 -16.95 2.41 19.87
C ARG A 91 -15.99 1.23 19.72
N ARG A 92 -16.44 0.03 20.04
CA ARG A 92 -15.52 -1.08 20.17
C ARG A 92 -15.04 -1.63 18.83
N LYS A 93 -15.77 -1.38 17.74
CA LYS A 93 -15.49 -2.09 16.51
C LYS A 93 -14.88 -1.21 15.43
N TRP A 94 -15.26 0.06 15.35
CA TRP A 94 -14.65 0.90 14.32
C TRP A 94 -13.31 1.45 14.72
N ILE A 95 -12.85 1.20 15.96
CA ILE A 95 -11.60 1.79 16.44
C ILE A 95 -10.40 1.05 15.89
N GLN A 96 -10.60 -0.05 15.18
CA GLN A 96 -9.48 -0.73 14.53
C GLN A 96 -8.95 0.04 13.35
N CYS A 97 -9.74 0.95 12.77
CA CYS A 97 -9.26 1.74 11.65
C CYS A 97 -8.20 2.74 12.09
N PHE A 98 -8.32 3.23 13.31
CA PHE A 98 -7.39 4.22 13.85
C PHE A 98 -6.33 3.56 14.73
N ASN A 99 -5.48 2.73 14.14
CA ASN A 99 -4.36 2.20 14.88
C ASN A 99 -3.03 2.68 14.32
N ASP A 100 -3.06 3.56 13.32
CA ASP A 100 -1.85 4.19 12.81
C ASP A 100 -1.92 5.71 12.85
N VAL A 101 -2.79 6.27 13.69
CA VAL A 101 -2.89 7.70 13.85
C VAL A 101 -1.69 8.17 14.67
N THR A 102 -1.40 9.46 14.63
CA THR A 102 -0.28 9.96 15.41
C THR A 102 -0.65 10.11 16.88
N ALA A 103 -1.81 10.67 17.18
CA ALA A 103 -2.20 10.81 18.56
C ALA A 103 -3.70 10.75 18.70
N ILE A 104 -4.16 10.61 19.92
CA ILE A 104 -5.58 10.64 20.26
C ILE A 104 -5.79 11.83 21.16
N ILE A 105 -6.60 12.77 20.75
CA ILE A 105 -6.87 13.95 21.55
C ILE A 105 -8.13 13.66 22.36
N PHE A 106 -7.96 13.40 23.64
CA PHE A 106 -9.08 13.10 24.51
C PHE A 106 -9.46 14.38 25.22
N VAL A 107 -10.75 14.70 25.29
CA VAL A 107 -11.22 15.93 25.91
C VAL A 107 -12.13 15.60 27.08
N VAL A 108 -11.91 16.21 28.24
CA VAL A 108 -12.69 15.94 29.44
C VAL A 108 -13.38 17.22 29.89
N ASP A 109 -14.68 17.15 30.15
CA ASP A 109 -15.37 18.28 30.78
C ASP A 109 -15.08 18.22 32.27
N SER A 110 -14.04 18.91 32.69
CA SER A 110 -13.51 18.79 34.04
C SER A 110 -14.21 19.67 35.04
N SER A 111 -15.45 20.09 34.79
CA SER A 111 -16.18 20.92 35.72
C SER A 111 -17.48 20.30 36.21
N ASP A 112 -17.92 19.20 35.61
CA ASP A 112 -19.10 18.47 36.05
C ASP A 112 -18.63 17.32 36.91
N TYR A 113 -18.88 17.41 38.21
CA TYR A 113 -18.40 16.39 39.13
C TYR A 113 -19.20 15.10 39.02
N ASN A 114 -20.46 15.20 38.61
CA ASN A 114 -21.30 14.01 38.53
C ASN A 114 -20.89 13.12 37.37
N ARG A 115 -20.48 13.71 36.26
CA ARG A 115 -20.13 12.97 35.05
C ARG A 115 -18.64 12.81 34.86
N LEU A 116 -17.87 12.79 35.95
CA LEU A 116 -16.42 12.71 35.80
C LEU A 116 -15.92 11.27 35.90
N GLN A 117 -16.59 10.45 36.73
CA GLN A 117 -16.20 9.05 36.87
C GLN A 117 -16.44 8.27 35.60
N GLU A 118 -17.47 8.63 34.83
CA GLU A 118 -17.68 8.02 33.52
C GLU A 118 -16.55 8.39 32.57
N ALA A 119 -16.03 9.62 32.68
CA ALA A 119 -14.90 10.03 31.86
C ALA A 119 -13.65 9.26 32.24
N LEU A 120 -13.46 8.98 33.53
CA LEU A 120 -12.31 8.20 33.97
C LEU A 120 -12.39 6.76 33.48
N ASN A 121 -13.60 6.18 33.50
CA ASN A 121 -13.78 4.83 32.99
C ASN A 121 -13.57 4.78 31.48
N ASP A 122 -13.98 5.83 30.77
CA ASP A 122 -13.76 5.88 29.33
C ASP A 122 -12.28 6.02 29.00
N PHE A 123 -11.55 6.79 29.81
CA PHE A 123 -10.11 6.91 29.57
C PHE A 123 -9.39 5.61 29.88
N LYS A 124 -9.85 4.88 30.91
CA LYS A 124 -9.30 3.56 31.18
C LYS A 124 -9.59 2.58 30.05
N SER A 125 -10.73 2.71 29.40
CA SER A 125 -11.05 1.85 28.27
C SER A 125 -10.29 2.23 27.00
N ILE A 126 -9.86 3.48 26.87
CA ILE A 126 -9.09 3.89 25.70
C ILE A 126 -7.61 3.55 25.89
N TRP A 127 -7.12 3.70 27.11
CA TRP A 127 -5.71 3.47 27.39
C TRP A 127 -5.33 1.99 27.23
N ASN A 128 -6.15 1.09 27.74
CA ASN A 128 -5.83 -0.33 27.76
C ASN A 128 -6.49 -1.08 26.60
N ASN A 129 -6.63 -0.43 25.46
CA ASN A 129 -7.22 -1.07 24.30
C ASN A 129 -6.14 -1.81 23.54
N ARG A 130 -6.51 -2.94 22.95
CA ARG A 130 -5.49 -3.79 22.34
C ARG A 130 -5.07 -3.32 20.96
N TRP A 131 -5.83 -2.43 20.33
CA TRP A 131 -5.41 -1.85 19.05
C TRP A 131 -4.69 -0.54 19.21
N LEU A 132 -4.80 0.08 20.38
CA LEU A 132 -4.13 1.34 20.70
C LEU A 132 -2.98 1.12 21.67
N ARG A 133 -2.16 0.09 21.44
CA ARG A 133 -1.02 -0.20 22.32
C ARG A 133 0.20 0.64 22.01
N THR A 134 0.12 1.58 21.08
CA THR A 134 1.27 2.39 20.73
C THR A 134 0.90 3.86 20.63
N ILE A 135 -0.39 4.19 20.65
CA ILE A 135 -0.86 5.52 20.33
C ILE A 135 -0.92 6.37 21.59
N SER A 136 -0.29 7.54 21.54
CA SER A 136 -0.22 8.43 22.69
C SER A 136 -1.42 9.35 22.74
N VAL A 137 -1.79 9.74 23.95
CA VAL A 137 -3.02 10.49 24.18
C VAL A 137 -2.66 11.89 24.63
N ILE A 138 -3.12 12.90 23.91
CA ILE A 138 -3.03 14.28 24.34
C ILE A 138 -4.35 14.62 25.03
N LEU A 139 -4.28 14.91 26.31
CA LEU A 139 -5.46 14.95 27.16
C LEU A 139 -5.75 16.39 27.56
N PHE A 140 -6.91 16.90 27.19
CA PHE A 140 -7.27 18.29 27.43
C PHE A 140 -8.35 18.33 28.50
N LEU A 141 -8.01 18.83 29.68
CA LEU A 141 -9.00 18.99 30.74
C LEU A 141 -9.73 20.31 30.54
N ASN A 142 -10.72 20.28 29.65
CA ASN A 142 -11.42 21.44 29.16
C ASN A 142 -12.26 22.10 30.26
N LYS A 143 -12.71 23.32 29.96
CA LYS A 143 -13.61 24.12 30.81
C LYS A 143 -13.03 24.39 32.19
N GLN A 144 -11.91 25.10 32.22
CA GLN A 144 -11.25 25.37 33.50
C GLN A 144 -11.92 26.49 34.26
N ASP A 145 -12.57 27.42 33.56
CA ASP A 145 -13.16 28.60 34.21
C ASP A 145 -14.33 28.20 35.10
N LEU A 146 -15.14 27.27 34.64
CA LEU A 146 -16.25 26.78 35.45
C LEU A 146 -15.74 26.01 36.66
N LEU A 147 -14.62 25.31 36.53
CA LEU A 147 -14.01 24.62 37.66
C LEU A 147 -13.53 25.61 38.70
N ALA A 148 -12.90 26.71 38.25
CA ALA A 148 -12.45 27.74 39.18
C ALA A 148 -13.62 28.39 39.90
N GLU A 149 -14.71 28.66 39.17
CA GLU A 149 -15.90 29.25 39.79
C GLU A 149 -16.52 28.30 40.80
N LYS A 150 -16.58 27.01 40.48
CA LYS A 150 -17.21 26.05 41.38
C LYS A 150 -16.37 25.79 42.62
N VAL A 151 -15.05 25.85 42.51
CA VAL A 151 -14.22 25.67 43.70
C VAL A 151 -14.26 26.91 44.59
N LEU A 152 -14.14 28.11 44.00
CA LEU A 152 -14.10 29.30 44.86
C LEU A 152 -15.49 29.66 45.39
N ALA A 153 -16.57 29.16 44.76
CA ALA A 153 -17.90 29.42 45.31
C ALA A 153 -18.15 28.57 46.55
N GLY A 154 -17.74 27.31 46.53
CA GLY A 154 -17.90 26.45 47.69
C GLY A 154 -19.27 25.85 47.88
N LYS A 155 -20.02 25.61 46.80
CA LYS A 155 -21.36 25.04 46.91
C LYS A 155 -21.35 23.52 46.79
N SER A 156 -20.63 22.98 45.81
CA SER A 156 -20.58 21.54 45.56
C SER A 156 -19.16 21.06 45.85
N LYS A 157 -19.03 20.17 46.84
CA LYS A 157 -17.73 19.63 47.19
C LYS A 157 -17.23 18.66 46.12
N ILE A 158 -15.95 18.30 46.23
CA ILE A 158 -15.41 17.21 45.44
C ILE A 158 -15.25 15.95 46.30
N GLU A 159 -15.22 16.09 47.62
CA GLU A 159 -15.05 14.94 48.50
C GLU A 159 -16.28 14.05 48.52
N ASP A 160 -17.45 14.57 48.13
CA ASP A 160 -18.63 13.73 48.04
C ASP A 160 -18.57 12.78 46.86
N TYR A 161 -17.82 13.13 45.82
CA TYR A 161 -17.67 12.26 44.67
C TYR A 161 -16.33 11.55 44.64
N PHE A 162 -15.34 12.04 45.38
CA PHE A 162 -14.04 11.37 45.48
C PHE A 162 -13.58 11.38 46.93
N PRO A 163 -13.66 10.26 47.63
CA PRO A 163 -13.39 10.25 49.08
C PRO A 163 -11.91 10.36 49.43
N GLU A 164 -11.02 10.18 48.45
CA GLU A 164 -9.60 10.38 48.70
C GLU A 164 -9.21 11.85 48.77
N PHE A 165 -10.09 12.76 48.33
CA PHE A 165 -9.74 14.18 48.29
C PHE A 165 -9.62 14.76 49.70
N ALA A 166 -10.20 14.10 50.70
CA ALA A 166 -10.01 14.51 52.08
C ALA A 166 -8.57 14.37 52.54
N ARG A 167 -7.76 13.53 51.88
CA ARG A 167 -6.38 13.37 52.27
C ARG A 167 -5.40 13.69 51.13
N TYR A 168 -5.78 14.55 50.20
CA TYR A 168 -4.88 15.03 49.16
C TYR A 168 -4.46 16.46 49.48
N THR A 169 -3.16 16.71 49.46
CA THR A 169 -2.58 18.04 49.59
C THR A 169 -1.65 18.25 48.40
N THR A 170 -1.48 19.51 48.00
CA THR A 170 -0.67 19.87 46.84
C THR A 170 0.78 19.45 47.06
N PRO A 171 1.44 18.87 46.06
CA PRO A 171 2.86 18.55 46.20
C PRO A 171 3.74 19.73 45.85
N GLU A 172 4.99 19.66 46.32
CA GLU A 172 5.93 20.76 46.18
C GLU A 172 6.50 20.89 44.77
N ASP A 173 6.36 19.86 43.94
CA ASP A 173 6.94 19.85 42.59
C ASP A 173 6.02 20.49 41.54
N ALA A 174 5.00 21.21 41.95
CA ALA A 174 4.08 21.85 41.03
C ALA A 174 4.33 23.35 40.96
N THR A 175 3.89 23.96 39.86
CA THR A 175 4.03 25.40 39.63
C THR A 175 2.66 25.97 39.33
N PRO A 176 1.97 26.53 40.32
CA PRO A 176 0.67 27.16 40.08
C PRO A 176 0.81 28.44 39.25
N GLU A 177 -0.15 28.64 38.36
CA GLU A 177 -0.20 29.86 37.55
C GLU A 177 -0.52 31.04 38.46
N PRO A 178 0.07 32.22 38.24
CA PRO A 178 -0.14 33.33 39.16
C PRO A 178 -1.52 33.96 39.06
N GLY A 179 -2.22 34.06 40.18
CA GLY A 179 -3.49 34.75 40.22
C GLY A 179 -4.65 33.93 40.76
N GLU A 180 -4.38 32.68 41.11
CA GLU A 180 -5.43 31.76 41.51
C GLU A 180 -5.21 31.26 42.93
N ASP A 181 -6.29 30.81 43.55
CA ASP A 181 -6.28 30.35 44.93
C ASP A 181 -5.60 28.99 45.01
N PRO A 182 -5.04 28.65 46.17
CA PRO A 182 -4.43 27.31 46.31
C PRO A 182 -5.45 26.18 46.32
N ARG A 183 -6.70 26.44 46.68
CA ARG A 183 -7.71 25.38 46.64
C ARG A 183 -8.04 24.99 45.20
N VAL A 184 -8.09 25.99 44.31
CA VAL A 184 -8.30 25.75 42.89
C VAL A 184 -7.16 24.93 42.32
N THR A 185 -5.93 25.22 42.74
CA THR A 185 -4.77 24.49 42.27
C THR A 185 -4.76 23.07 42.81
N ARG A 186 -5.21 22.88 44.05
CA ARG A 186 -5.31 21.54 44.63
C ARG A 186 -6.33 20.69 43.89
N ALA A 187 -7.48 21.29 43.54
CA ALA A 187 -8.50 20.56 42.81
C ALA A 187 -8.03 20.24 41.39
N LYS A 188 -7.35 21.18 40.74
CA LYS A 188 -6.83 20.97 39.40
C LYS A 188 -5.82 19.83 39.37
N TYR A 189 -4.87 19.85 40.30
CA TYR A 189 -3.87 18.79 40.30
C TYR A 189 -4.43 17.48 40.82
N PHE A 190 -5.56 17.50 41.55
CA PHE A 190 -6.21 16.24 41.90
C PHE A 190 -6.84 15.57 40.68
N ILE A 191 -7.50 16.37 39.82
CA ILE A 191 -8.06 15.81 38.59
C ILE A 191 -6.94 15.28 37.68
N ARG A 192 -5.85 16.05 37.60
CA ARG A 192 -4.73 15.64 36.76
C ARG A 192 -4.06 14.38 37.27
N LYS A 193 -3.96 14.21 38.59
CA LYS A 193 -3.41 12.98 39.14
C LYS A 193 -4.35 11.81 38.90
N GLU A 194 -5.67 12.05 38.96
CA GLU A 194 -6.63 10.98 38.72
C GLU A 194 -6.58 10.46 37.29
N PHE A 195 -6.18 11.31 36.34
CA PHE A 195 -6.02 10.76 34.99
C PHE A 195 -4.63 10.18 34.78
N VAL A 196 -3.57 10.77 35.36
CA VAL A 196 -2.26 10.19 35.09
C VAL A 196 -1.99 8.92 35.90
N ASP A 197 -2.81 8.61 36.91
CA ASP A 197 -2.72 7.29 37.54
C ASP A 197 -3.09 6.19 36.56
N ILE A 198 -4.16 6.39 35.80
CA ILE A 198 -4.54 5.45 34.76
C ILE A 198 -3.53 5.47 33.62
N SER A 199 -2.86 6.61 33.43
CA SER A 199 -1.84 6.66 32.39
C SER A 199 -0.62 5.81 32.74
N THR A 200 -0.05 6.01 33.93
CA THR A 200 1.22 5.35 34.26
C THR A 200 1.10 3.89 34.67
N ALA A 201 -0.07 3.42 35.07
CA ALA A 201 -0.17 2.08 35.62
C ALA A 201 -0.28 0.99 34.56
N SER A 202 0.02 1.28 33.30
CA SER A 202 -0.02 0.30 32.22
C SER A 202 0.74 0.87 31.03
N GLY A 203 1.31 -0.04 30.24
CA GLY A 203 1.94 0.34 28.98
C GLY A 203 3.17 1.20 29.13
N ASP A 204 3.98 0.94 30.14
CA ASP A 204 5.11 1.81 30.45
C ASP A 204 6.20 1.66 29.40
N GLY A 205 6.40 2.68 28.59
CA GLY A 205 7.43 2.72 27.59
C GLY A 205 6.92 2.92 26.17
N ARG A 206 5.78 2.33 25.83
CA ARG A 206 5.30 2.41 24.46
C ARG A 206 4.55 3.71 24.19
N HIS A 207 3.73 4.17 25.13
CA HIS A 207 2.99 5.40 24.90
C HIS A 207 2.76 6.12 26.21
N ILE A 208 2.69 7.45 26.14
CA ILE A 208 2.48 8.30 27.30
C ILE A 208 1.32 9.24 27.08
N CYS A 209 0.98 9.99 28.12
CA CYS A 209 -0.16 10.91 28.13
C CYS A 209 0.32 12.31 28.50
N TYR A 210 -0.07 13.30 27.71
CA TYR A 210 0.37 14.69 27.91
C TYR A 210 -0.79 15.55 28.37
N PRO A 211 -1.01 15.74 29.65
CA PRO A 211 -2.18 16.52 30.06
C PRO A 211 -1.97 18.02 30.02
N HIS A 212 -2.93 18.75 29.47
CA HIS A 212 -2.90 20.20 29.48
C HIS A 212 -4.21 20.71 30.06
N PHE A 213 -4.15 21.82 30.79
CA PHE A 213 -5.35 22.48 31.23
C PHE A 213 -5.72 23.56 30.22
N THR A 214 -7.01 23.66 29.91
CA THR A 214 -7.45 24.49 28.81
C THR A 214 -8.76 25.17 29.18
N CYS A 215 -8.89 26.44 28.80
CA CYS A 215 -10.11 27.19 28.98
C CYS A 215 -10.99 27.00 27.75
N ALA A 216 -12.13 27.68 27.74
CA ALA A 216 -12.97 27.62 26.55
C ALA A 216 -12.62 28.75 25.58
N VAL A 217 -12.22 29.91 26.10
CA VAL A 217 -11.92 31.08 25.28
C VAL A 217 -10.42 31.16 25.01
N ASP A 218 -9.71 30.10 25.37
CA ASP A 218 -8.29 29.99 25.07
C ASP A 218 -8.09 29.66 23.60
N THR A 219 -6.96 30.11 23.05
CA THR A 219 -6.71 29.95 21.62
C THR A 219 -5.31 29.46 21.30
N GLU A 220 -4.56 28.97 22.28
CA GLU A 220 -3.19 28.52 22.05
C GLU A 220 -3.09 27.02 21.84
N ASN A 221 -4.17 26.35 21.43
CA ASN A 221 -4.19 24.90 21.46
C ASN A 221 -3.41 24.27 20.31
N ALA A 222 -3.33 24.95 19.17
CA ALA A 222 -2.58 24.39 18.04
C ALA A 222 -1.09 24.32 18.33
N ARG A 223 -0.58 25.26 19.12
CA ARG A 223 0.82 25.20 19.53
C ARG A 223 1.07 24.02 20.47
N ARG A 224 0.12 23.75 21.38
CA ARG A 224 0.29 22.63 22.32
C ARG A 224 0.24 21.30 21.60
N ILE A 225 -0.67 21.16 20.64
CA ILE A 225 -0.73 19.94 19.85
C ILE A 225 0.52 19.80 18.99
N PHE A 226 1.08 20.93 18.53
CA PHE A 226 2.30 20.88 17.74
C PHE A 226 3.49 20.38 18.55
N ASN A 227 3.68 20.93 19.76
CA ASN A 227 4.78 20.47 20.62
C ASN A 227 4.61 19.00 21.00
N ASP A 228 3.37 18.58 21.27
CA ASP A 228 3.17 17.19 21.67
C ASP A 228 3.36 16.22 20.52
N CYS A 229 2.98 16.60 19.30
CA CYS A 229 3.25 15.72 18.16
C CYS A 229 4.73 15.71 17.81
N LYS A 230 5.43 16.81 18.08
CA LYS A 230 6.89 16.82 17.98
C LYS A 230 7.51 15.78 18.90
N ASP A 231 7.08 15.76 20.17
CA ASP A 231 7.61 14.81 21.13
C ASP A 231 7.23 13.37 20.80
N ILE A 232 6.02 13.15 20.27
CA ILE A 232 5.57 11.81 19.92
C ILE A 232 6.39 11.25 18.76
N ILE A 233 6.61 12.06 17.72
CA ILE A 233 7.39 11.58 16.59
C ILE A 233 8.87 11.46 16.95
N LEU A 234 9.36 12.29 17.87
CA LEU A 234 10.73 12.13 18.36
C LEU A 234 10.91 10.81 19.09
N GLN A 235 9.94 10.44 19.92
CA GLN A 235 10.04 9.18 20.65
C GLN A 235 9.89 7.98 19.72
N MET A 236 9.02 8.09 18.72
CA MET A 236 8.89 7.01 17.74
C MET A 236 10.17 6.84 16.93
N ASN A 237 10.86 7.94 16.61
CA ASN A 237 12.10 7.84 15.87
C ASN A 237 13.25 7.34 16.74
N LEU A 238 13.26 7.69 18.03
CA LEU A 238 14.25 7.12 18.93
C LEU A 238 14.01 5.64 19.16
N ARG A 239 12.79 5.17 18.98
CA ARG A 239 12.55 3.74 19.10
C ARG A 239 12.93 3.00 17.82
N GLU A 240 12.56 3.53 16.67
CA GLU A 240 12.71 2.78 15.42
C GLU A 240 14.08 2.91 14.80
N TYR A 241 15.03 3.56 15.45
CA TYR A 241 16.40 3.64 14.97
C TYR A 241 17.33 2.72 15.73
N ASN A 242 16.77 1.80 16.52
CA ASN A 242 17.50 0.96 17.49
C ASN A 242 18.38 1.81 18.39
N LEU A 243 17.82 2.91 18.87
CA LEU A 243 18.60 3.99 19.45
C LEU A 243 18.26 4.23 20.91
N VAL A 244 17.14 3.71 21.39
CA VAL A 244 16.70 3.98 22.75
C VAL A 244 17.46 3.12 23.75
N SER B 11 -46.43 -8.67 34.73
CA SER B 11 -47.78 -9.06 34.33
C SER B 11 -47.76 -9.88 33.04
N GLU B 12 -48.08 -9.24 31.91
CA GLU B 12 -48.04 -9.96 30.64
C GLU B 12 -46.61 -10.12 30.13
N LEU B 13 -45.68 -9.28 30.56
CA LEU B 13 -44.31 -9.34 30.04
C LEU B 13 -43.60 -10.59 30.53
N ASP B 14 -43.91 -11.05 31.75
CA ASP B 14 -43.33 -12.30 32.24
C ASP B 14 -43.86 -13.49 31.47
N GLN B 15 -45.15 -13.45 31.10
CA GLN B 15 -45.72 -14.51 30.27
C GLN B 15 -45.12 -14.50 28.87
N LEU B 16 -44.84 -13.30 28.35
CA LEU B 16 -44.18 -13.19 27.04
C LEU B 16 -42.76 -13.71 27.07
N ARG B 17 -42.00 -13.42 28.14
CA ARG B 17 -40.65 -13.95 28.27
C ARG B 17 -40.66 -15.45 28.47
N GLN B 18 -41.65 -15.97 29.21
CA GLN B 18 -41.76 -17.42 29.39
C GLN B 18 -42.15 -18.12 28.09
N GLU B 19 -42.98 -17.48 27.26
CA GLU B 19 -43.32 -18.04 25.96
C GLU B 19 -42.11 -18.05 25.05
N ALA B 20 -41.30 -16.99 25.09
CA ALA B 20 -40.07 -16.95 24.30
C ALA B 20 -39.08 -18.02 24.75
N GLU B 21 -39.01 -18.25 26.06
CA GLU B 21 -38.09 -19.26 26.58
C GLU B 21 -38.55 -20.66 26.21
N GLN B 22 -39.86 -20.92 26.28
CA GLN B 22 -40.37 -22.23 25.92
C GLN B 22 -40.24 -22.48 24.41
N LEU B 23 -40.36 -21.42 23.60
CA LEU B 23 -40.16 -21.59 22.16
C LEU B 23 -38.70 -21.86 21.84
N LYS B 24 -37.77 -21.19 22.54
CA LYS B 24 -36.36 -21.48 22.32
C LYS B 24 -36.00 -22.89 22.77
N ASN B 25 -36.63 -23.37 23.85
CA ASN B 25 -36.43 -24.76 24.25
C ASN B 25 -37.02 -25.74 23.24
N GLN B 26 -38.14 -25.38 22.60
CA GLN B 26 -38.74 -26.23 21.59
C GLN B 26 -37.87 -26.35 20.36
N ILE B 27 -37.28 -25.24 19.90
CA ILE B 27 -36.42 -25.33 18.73
C ILE B 27 -35.09 -25.99 19.09
N ARG B 28 -34.67 -25.91 20.36
CA ARG B 28 -33.46 -26.62 20.77
C ARG B 28 -33.68 -28.12 20.77
N ASP B 29 -34.82 -28.58 21.29
CA ASP B 29 -35.12 -30.01 21.25
C ASP B 29 -35.37 -30.50 19.82
N ALA B 30 -35.92 -29.64 18.96
CA ALA B 30 -36.14 -30.05 17.58
C ALA B 30 -34.83 -30.17 16.81
N ARG B 31 -33.88 -29.26 17.06
CA ARG B 31 -32.55 -29.41 16.47
C ARG B 31 -31.81 -30.59 17.05
N LYS B 32 -32.07 -30.94 18.32
CA LYS B 32 -31.43 -32.10 18.91
C LYS B 32 -31.98 -33.40 18.32
N ALA B 33 -33.28 -33.43 18.01
CA ALA B 33 -33.87 -34.67 17.52
C ALA B 33 -33.45 -35.00 16.09
N CYS B 34 -33.04 -33.99 15.32
CA CYS B 34 -32.69 -34.18 13.93
C CYS B 34 -31.19 -34.37 13.71
N ALA B 35 -30.43 -34.57 14.78
CA ALA B 35 -29.00 -34.82 14.68
C ALA B 35 -28.72 -36.24 15.13
N ASP B 36 -28.43 -37.12 14.18
CA ASP B 36 -28.15 -38.52 14.47
C ASP B 36 -26.67 -38.86 14.44
N ALA B 37 -25.93 -38.25 13.52
CA ALA B 37 -24.50 -38.41 13.47
C ALA B 37 -23.92 -37.03 13.20
N THR B 38 -22.65 -36.98 12.84
CA THR B 38 -22.02 -35.71 12.53
C THR B 38 -21.29 -35.84 11.21
N LEU B 39 -20.75 -34.71 10.74
CA LEU B 39 -20.03 -34.70 9.48
C LEU B 39 -18.74 -35.52 9.57
N SER B 40 -18.12 -35.53 10.74
CA SER B 40 -16.88 -36.28 10.90
C SER B 40 -17.10 -37.79 10.97
N GLN B 41 -18.32 -38.25 11.28
CA GLN B 41 -18.57 -39.68 11.27
C GLN B 41 -19.01 -40.19 9.91
N ILE B 42 -19.32 -39.29 8.97
CA ILE B 42 -19.60 -39.73 7.62
C ILE B 42 -18.37 -39.57 6.74
N THR B 43 -17.58 -38.51 6.94
CA THR B 43 -16.41 -38.28 6.12
C THR B 43 -15.13 -38.83 6.76
N ASN B 44 -15.24 -39.94 7.49
CA ASN B 44 -14.04 -40.56 8.06
C ASN B 44 -13.37 -41.53 7.10
N ASN B 45 -14.13 -42.10 6.16
CA ASN B 45 -13.61 -43.15 5.28
C ASN B 45 -13.00 -42.60 4.01
N ILE B 46 -13.30 -41.36 3.64
CA ILE B 46 -12.78 -40.80 2.41
C ILE B 46 -11.30 -40.44 2.60
N ASP B 47 -10.56 -40.44 1.50
CA ASP B 47 -9.15 -40.11 1.58
C ASP B 47 -8.97 -38.60 1.76
N PRO B 48 -8.01 -38.19 2.56
CA PRO B 48 -7.80 -36.75 2.77
C PRO B 48 -7.14 -36.05 1.59
N VAL B 49 -6.93 -34.77 1.73
CA VAL B 49 -6.34 -33.96 0.66
C VAL B 49 -4.83 -34.12 0.59
N GLY B 50 -4.15 -33.99 1.72
CA GLY B 50 -2.71 -33.98 1.70
C GLY B 50 -2.16 -32.56 1.76
N ARG B 51 -0.85 -32.46 1.60
CA ARG B 51 -0.19 -31.16 1.72
C ARG B 51 -0.55 -30.27 0.54
N ILE B 52 -0.68 -28.97 0.80
CA ILE B 52 -1.04 -27.99 -0.21
C ILE B 52 0.01 -26.91 -0.21
N GLN B 53 0.71 -26.76 -1.32
CA GLN B 53 1.78 -25.78 -1.45
C GLN B 53 1.37 -24.78 -2.52
N MET B 54 0.86 -23.64 -2.09
CA MET B 54 0.49 -22.57 -3.00
C MET B 54 1.46 -21.41 -2.82
N ARG B 55 2.03 -20.96 -3.93
CA ARG B 55 3.08 -19.95 -3.89
C ARG B 55 2.59 -18.67 -4.53
N THR B 56 3.17 -17.56 -4.06
CA THR B 56 2.78 -16.24 -4.52
C THR B 56 3.20 -16.04 -5.96
N ARG B 57 2.23 -15.84 -6.85
CA ARG B 57 2.55 -15.59 -8.25
C ARG B 57 2.74 -14.11 -8.53
N ARG B 58 1.72 -13.30 -8.26
CA ARG B 58 1.78 -11.87 -8.47
C ARG B 58 1.79 -11.17 -7.12
N THR B 59 2.47 -10.04 -7.07
CA THR B 59 2.38 -9.14 -5.93
C THR B 59 2.07 -7.76 -6.46
N LEU B 60 0.98 -7.17 -5.99
CA LEU B 60 0.46 -5.94 -6.55
C LEU B 60 0.73 -4.81 -5.56
N ARG B 61 1.70 -3.96 -5.88
CA ARG B 61 2.17 -2.90 -4.98
C ARG B 61 1.77 -1.54 -5.54
N GLY B 62 0.65 -1.00 -5.07
CA GLY B 62 0.36 0.37 -5.39
C GLY B 62 -0.18 1.22 -4.26
N HIS B 63 -0.64 0.60 -3.19
CA HIS B 63 -1.37 1.36 -2.18
C HIS B 63 -0.41 2.04 -1.23
N LEU B 64 -0.94 2.99 -0.46
CA LEU B 64 -0.13 3.75 0.49
C LEU B 64 -0.38 3.36 1.93
N ALA B 65 -1.50 2.71 2.22
CA ALA B 65 -1.88 2.39 3.59
C ALA B 65 -2.50 1.00 3.59
N LYS B 66 -3.22 0.68 4.66
CA LYS B 66 -3.76 -0.65 4.84
C LYS B 66 -4.88 -0.93 3.85
N ILE B 67 -4.88 -2.14 3.29
CA ILE B 67 -5.92 -2.59 2.38
C ILE B 67 -7.06 -3.17 3.19
N TYR B 68 -8.29 -2.74 2.93
CA TYR B 68 -9.38 -3.18 3.77
C TYR B 68 -10.34 -4.18 3.15
N ALA B 69 -10.54 -4.17 1.85
CA ALA B 69 -11.36 -5.18 1.22
C ALA B 69 -10.97 -5.28 -0.25
N MET B 70 -11.29 -6.42 -0.84
CA MET B 70 -11.15 -6.58 -2.28
C MET B 70 -12.26 -7.49 -2.79
N HIS B 71 -12.44 -7.48 -4.10
CA HIS B 71 -13.47 -8.26 -4.73
C HIS B 71 -13.05 -8.54 -6.15
N TRP B 72 -13.12 -9.80 -6.56
CA TRP B 72 -12.76 -10.18 -7.91
C TRP B 72 -13.90 -9.81 -8.85
N GLY B 73 -13.55 -9.40 -10.06
CA GLY B 73 -14.56 -9.22 -11.07
C GLY B 73 -15.16 -10.55 -11.48
N THR B 74 -16.29 -10.48 -12.18
CA THR B 74 -16.98 -11.73 -12.50
C THR B 74 -16.30 -12.53 -13.61
N ASP B 75 -15.33 -11.97 -14.31
CA ASP B 75 -14.63 -12.68 -15.35
C ASP B 75 -13.27 -13.18 -14.91
N SER B 76 -13.01 -13.17 -13.60
CA SER B 76 -11.85 -13.76 -12.95
C SER B 76 -10.53 -13.15 -13.37
N ARG B 77 -10.53 -11.96 -13.91
CA ARG B 77 -9.26 -11.35 -14.27
C ARG B 77 -9.01 -10.04 -13.55
N LEU B 78 -10.00 -9.15 -13.49
CA LEU B 78 -9.86 -7.84 -12.87
C LEU B 78 -10.31 -7.87 -11.41
N LEU B 79 -9.65 -7.10 -10.57
CA LEU B 79 -10.08 -6.99 -9.19
C LEU B 79 -9.92 -5.56 -8.70
N VAL B 80 -10.77 -5.18 -7.75
CA VAL B 80 -10.77 -3.84 -7.17
C VAL B 80 -10.29 -3.96 -5.73
N SER B 81 -9.51 -3.00 -5.27
CA SER B 81 -9.06 -3.05 -3.88
C SER B 81 -9.08 -1.65 -3.28
N ALA B 82 -9.61 -1.54 -2.07
CA ALA B 82 -9.84 -0.25 -1.43
C ALA B 82 -8.93 -0.13 -0.23
N SER B 83 -8.25 1.01 -0.10
CA SER B 83 -7.32 1.17 1.00
C SER B 83 -7.63 2.42 1.81
N GLN B 84 -7.02 2.50 3.00
CA GLN B 84 -7.36 3.51 3.99
C GLN B 84 -6.81 4.88 3.67
N ASP B 85 -5.97 5.02 2.64
CA ASP B 85 -5.53 6.34 2.20
C ASP B 85 -6.52 7.00 1.25
N GLY B 86 -7.67 6.37 1.02
CA GLY B 86 -8.73 6.99 0.27
C GLY B 86 -8.64 6.73 -1.21
N LYS B 87 -8.42 5.48 -1.60
CA LYS B 87 -8.28 5.15 -3.00
C LYS B 87 -8.80 3.75 -3.28
N LEU B 88 -9.57 3.62 -4.34
CA LEU B 88 -9.85 2.35 -4.98
C LEU B 88 -8.86 2.20 -6.11
N ILE B 89 -8.33 1.01 -6.29
CA ILE B 89 -7.46 0.74 -7.43
C ILE B 89 -7.99 -0.50 -8.12
N ILE B 90 -8.18 -0.43 -9.42
CA ILE B 90 -8.67 -1.57 -10.19
C ILE B 90 -7.51 -2.11 -11.00
N TRP B 91 -7.11 -3.35 -10.69
CA TRP B 91 -5.98 -4.04 -11.26
C TRP B 91 -6.42 -5.08 -12.27
N ASP B 92 -5.62 -5.23 -13.31
CA ASP B 92 -5.70 -6.36 -14.22
C ASP B 92 -4.69 -7.38 -13.73
N SER B 93 -5.17 -8.46 -13.12
CA SER B 93 -4.29 -9.30 -12.31
C SER B 93 -3.42 -10.25 -13.11
N TYR B 94 -3.61 -10.36 -14.43
CA TYR B 94 -2.73 -11.24 -15.20
C TYR B 94 -1.40 -10.57 -15.48
N THR B 95 -1.40 -9.25 -15.70
CA THR B 95 -0.19 -8.50 -16.00
C THR B 95 0.15 -7.47 -14.95
N THR B 96 -0.58 -7.44 -13.83
CA THR B 96 -0.39 -6.51 -12.70
C THR B 96 -0.44 -5.04 -13.10
N ASN B 97 -1.21 -4.72 -14.13
CA ASN B 97 -1.39 -3.34 -14.54
C ASN B 97 -2.49 -2.71 -13.71
N LYS B 98 -2.41 -1.40 -13.53
CA LYS B 98 -3.46 -0.64 -12.87
C LYS B 98 -4.40 -0.13 -13.94
N VAL B 99 -5.60 -0.70 -14.02
CA VAL B 99 -6.57 -0.19 -14.98
C VAL B 99 -7.09 1.16 -14.52
N HIS B 100 -7.51 1.27 -13.26
CA HIS B 100 -8.08 2.53 -12.81
C HIS B 100 -7.54 2.88 -11.43
N ALA B 101 -7.53 4.17 -11.13
CA ALA B 101 -7.24 4.65 -9.79
C ALA B 101 -8.27 5.70 -9.45
N ILE B 102 -9.18 5.38 -8.55
CA ILE B 102 -10.34 6.21 -8.23
C ILE B 102 -10.09 6.86 -6.88
N PRO B 103 -10.07 8.19 -6.78
CA PRO B 103 -9.93 8.83 -5.48
C PRO B 103 -11.27 9.04 -4.79
N LEU B 104 -11.33 8.76 -3.50
CA LEU B 104 -12.59 8.76 -2.76
C LEU B 104 -12.84 10.11 -2.11
N ARG B 105 -14.10 10.35 -1.76
CA ARG B 105 -14.45 11.60 -1.10
C ARG B 105 -14.05 11.59 0.37
N SER B 106 -14.15 10.45 1.04
CA SER B 106 -13.76 10.32 2.44
C SER B 106 -12.81 9.14 2.58
N SER B 107 -11.74 9.34 3.33
CA SER B 107 -10.62 8.41 3.33
C SER B 107 -10.88 7.12 4.10
N TRP B 108 -11.99 7.01 4.84
CA TRP B 108 -12.24 5.84 5.67
C TRP B 108 -13.22 4.93 4.94
N VAL B 109 -12.67 3.91 4.30
CA VAL B 109 -13.44 2.95 3.53
C VAL B 109 -13.22 1.58 4.14
N MET B 110 -14.30 0.86 4.38
CA MET B 110 -14.24 -0.44 5.01
C MET B 110 -14.74 -1.57 4.14
N THR B 111 -15.10 -1.31 2.89
CA THR B 111 -15.73 -2.32 2.07
C THR B 111 -15.48 -2.01 0.61
N CYS B 112 -15.89 -2.94 -0.25
CA CYS B 112 -15.60 -2.88 -1.67
C CYS B 112 -16.45 -3.91 -2.37
N ALA B 113 -16.83 -3.62 -3.61
CA ALA B 113 -17.60 -4.57 -4.39
C ALA B 113 -17.39 -4.27 -5.87
N TYR B 114 -17.39 -5.31 -6.68
CA TYR B 114 -17.35 -5.19 -8.12
C TYR B 114 -18.70 -5.68 -8.62
N ALA B 115 -19.29 -4.96 -9.56
CA ALA B 115 -20.57 -5.37 -10.08
C ALA B 115 -20.40 -6.65 -10.90
N PRO B 116 -21.45 -7.48 -11.01
CA PRO B 116 -21.32 -8.68 -11.83
C PRO B 116 -21.43 -8.41 -13.33
N SER B 117 -21.55 -7.16 -13.75
CA SER B 117 -21.46 -6.82 -15.15
C SER B 117 -20.12 -6.22 -15.53
N GLY B 118 -19.33 -5.80 -14.56
CA GLY B 118 -18.12 -5.08 -14.86
C GLY B 118 -18.29 -3.58 -14.97
N ASN B 119 -19.52 -3.07 -14.85
CA ASN B 119 -19.75 -1.65 -15.02
C ASN B 119 -19.43 -0.87 -13.76
N TYR B 120 -20.01 -1.23 -12.62
CA TYR B 120 -19.98 -0.37 -11.45
C TYR B 120 -19.02 -0.91 -10.40
N VAL B 121 -18.66 -0.02 -9.47
CA VAL B 121 -17.87 -0.37 -8.28
C VAL B 121 -18.44 0.40 -7.10
N ALA B 122 -18.75 -0.28 -6.01
CA ALA B 122 -19.30 0.37 -4.84
C ALA B 122 -18.29 0.37 -3.70
N CYS B 123 -18.34 1.40 -2.86
CA CYS B 123 -17.49 1.43 -1.67
C CYS B 123 -18.14 2.33 -0.63
N GLY B 124 -17.87 2.02 0.63
CA GLY B 124 -18.45 2.77 1.74
C GLY B 124 -17.56 2.65 2.95
N GLY B 125 -17.98 3.27 4.04
CA GLY B 125 -17.15 3.21 5.23
C GLY B 125 -17.67 4.00 6.40
N LEU B 126 -16.81 4.77 7.05
CA LEU B 126 -17.20 5.46 8.27
C LEU B 126 -18.02 6.71 8.01
N ASP B 127 -18.33 7.05 6.77
CA ASP B 127 -19.14 8.22 6.47
C ASP B 127 -20.60 7.86 6.21
N ASN B 128 -20.99 6.62 6.55
CA ASN B 128 -22.36 6.09 6.48
C ASN B 128 -22.93 6.04 5.07
N ILE B 129 -22.12 6.21 4.03
CA ILE B 129 -22.61 6.47 2.69
C ILE B 129 -22.01 5.46 1.73
N CYS B 130 -22.86 4.78 0.97
CA CYS B 130 -22.44 3.85 -0.07
C CYS B 130 -22.30 4.61 -1.37
N SER B 131 -21.07 4.88 -1.79
CA SER B 131 -20.82 5.54 -3.06
C SER B 131 -20.74 4.51 -4.16
N ILE B 132 -21.46 4.74 -5.25
CA ILE B 132 -21.49 3.84 -6.40
C ILE B 132 -20.89 4.57 -7.58
N TYR B 133 -19.79 4.03 -8.11
CA TYR B 133 -18.99 4.62 -9.17
C TYR B 133 -19.27 3.90 -10.48
N ASN B 134 -19.26 4.65 -11.57
CA ASN B 134 -19.63 4.19 -12.89
C ASN B 134 -18.39 4.23 -13.76
N LEU B 135 -17.87 3.05 -14.14
CA LEU B 135 -16.54 3.00 -14.76
C LEU B 135 -16.58 3.22 -16.26
N LYS B 136 -17.65 2.83 -16.94
CA LYS B 136 -17.71 2.89 -18.40
C LYS B 136 -18.51 4.12 -18.82
N THR B 137 -17.86 5.28 -18.79
CA THR B 137 -18.45 6.54 -19.20
C THR B 137 -18.03 6.91 -20.61
N ARG B 138 -18.74 7.87 -21.19
CA ARG B 138 -18.39 8.44 -22.49
C ARG B 138 -17.40 9.56 -22.38
N GLU B 139 -16.77 9.75 -21.22
CA GLU B 139 -15.82 10.82 -21.02
C GLU B 139 -14.47 10.34 -20.55
N GLY B 140 -14.30 9.04 -20.33
CA GLY B 140 -13.00 8.47 -20.04
C GLY B 140 -12.59 8.49 -18.60
N ASN B 141 -13.27 9.24 -17.73
CA ASN B 141 -12.93 9.28 -16.33
C ASN B 141 -13.98 8.53 -15.52
N VAL B 142 -13.61 8.18 -14.30
CA VAL B 142 -14.49 7.48 -13.38
C VAL B 142 -15.28 8.49 -12.56
N ARG B 143 -16.58 8.51 -12.73
CA ARG B 143 -17.44 9.53 -12.13
C ARG B 143 -18.33 8.85 -11.12
N VAL B 144 -18.56 9.51 -9.98
CA VAL B 144 -19.47 9.00 -8.95
C VAL B 144 -20.88 8.98 -9.51
N SER B 145 -21.43 7.79 -9.72
CA SER B 145 -22.76 7.72 -10.28
C SER B 145 -23.79 8.17 -9.27
N ARG B 146 -23.75 7.62 -8.05
CA ARG B 146 -24.64 8.16 -7.00
C ARG B 146 -24.11 7.79 -5.62
N GLU B 147 -24.81 8.29 -4.61
CA GLU B 147 -24.43 8.11 -3.20
C GLU B 147 -25.67 7.75 -2.41
N LEU B 148 -25.71 6.52 -1.92
CA LEU B 148 -26.83 6.02 -1.12
C LEU B 148 -26.59 6.35 0.34
N ALA B 149 -27.53 7.04 0.96
CA ALA B 149 -27.39 7.49 2.34
C ALA B 149 -28.72 7.36 3.07
N GLY B 150 -28.89 6.29 3.82
CA GLY B 150 -30.01 6.19 4.72
C GLY B 150 -29.65 5.46 5.99
N HIS B 151 -28.40 5.03 6.10
CA HIS B 151 -27.97 4.24 7.22
C HIS B 151 -27.60 5.14 8.38
N THR B 152 -27.64 4.59 9.59
CA THR B 152 -27.44 5.34 10.81
C THR B 152 -26.08 5.05 11.43
N GLY B 153 -25.32 4.11 10.85
CA GLY B 153 -24.00 3.79 11.34
C GLY B 153 -23.07 3.51 10.20
N TYR B 154 -21.82 3.18 10.55
CA TYR B 154 -20.83 2.78 9.56
C TYR B 154 -21.28 1.50 8.88
N LEU B 155 -20.95 1.35 7.60
CA LEU B 155 -21.36 0.16 6.87
C LEU B 155 -20.15 -0.67 6.49
N SER B 156 -20.28 -1.98 6.63
CA SER B 156 -19.14 -2.87 6.58
C SER B 156 -19.09 -3.76 5.35
N CYS B 157 -20.19 -3.97 4.64
CA CYS B 157 -20.12 -4.83 3.47
C CYS B 157 -21.19 -4.44 2.48
N CYS B 158 -20.82 -4.48 1.19
CA CYS B 158 -21.72 -4.15 0.09
C CYS B 158 -21.61 -5.27 -0.94
N ARG B 159 -22.73 -5.74 -1.45
CA ARG B 159 -22.70 -6.82 -2.43
C ARG B 159 -23.74 -6.56 -3.49
N PHE B 160 -23.33 -6.61 -4.76
CA PHE B 160 -24.22 -6.28 -5.86
C PHE B 160 -25.12 -7.45 -6.21
N LEU B 161 -26.40 -7.18 -6.44
CA LEU B 161 -27.29 -8.21 -6.99
C LEU B 161 -27.26 -8.20 -8.52
N ASP B 162 -27.53 -7.04 -9.11
CA ASP B 162 -27.25 -6.77 -10.52
C ASP B 162 -26.95 -5.29 -10.62
N ASP B 163 -27.08 -4.72 -11.82
CA ASP B 163 -26.70 -3.33 -12.01
C ASP B 163 -27.66 -2.32 -11.37
N ASN B 164 -28.78 -2.77 -10.81
CA ASN B 164 -29.79 -1.85 -10.31
C ASN B 164 -30.04 -1.90 -8.82
N GLN B 165 -29.62 -2.95 -8.11
CA GLN B 165 -29.91 -3.03 -6.69
C GLN B 165 -28.75 -3.64 -5.94
N ILE B 166 -28.54 -3.15 -4.73
CA ILE B 166 -27.35 -3.47 -3.95
C ILE B 166 -27.78 -3.71 -2.50
N VAL B 167 -27.19 -4.71 -1.86
CA VAL B 167 -27.48 -5.01 -0.46
C VAL B 167 -26.34 -4.51 0.41
N THR B 168 -26.68 -3.72 1.44
CA THR B 168 -25.70 -3.10 2.31
C THR B 168 -25.96 -3.50 3.75
N SER B 169 -24.91 -3.79 4.50
CA SER B 169 -25.02 -4.10 5.92
C SER B 169 -24.26 -3.10 6.74
N SER B 170 -24.95 -2.42 7.65
CA SER B 170 -24.29 -1.36 8.39
C SER B 170 -24.19 -1.72 9.86
N GLY B 171 -23.44 -0.92 10.59
CA GLY B 171 -23.17 -1.21 11.97
C GLY B 171 -24.16 -0.63 12.95
N ASP B 172 -25.39 -0.39 12.51
CA ASP B 172 -26.47 -0.02 13.41
C ASP B 172 -27.51 -1.13 13.49
N THR B 173 -27.04 -2.38 13.45
CA THR B 173 -27.85 -3.61 13.52
C THR B 173 -28.89 -3.69 12.42
N THR B 174 -28.49 -3.38 11.18
CA THR B 174 -29.47 -3.41 10.11
C THR B 174 -28.79 -3.70 8.77
N CYS B 175 -29.54 -4.33 7.88
CA CYS B 175 -29.18 -4.46 6.48
C CYS B 175 -30.27 -3.81 5.63
N ALA B 176 -29.94 -3.52 4.38
CA ALA B 176 -30.89 -2.80 3.56
C ALA B 176 -30.69 -3.20 2.11
N LEU B 177 -31.76 -3.10 1.33
CA LEU B 177 -31.72 -3.42 -0.09
C LEU B 177 -32.03 -2.13 -0.85
N TRP B 178 -31.01 -1.55 -1.46
CA TRP B 178 -31.12 -0.28 -2.13
C TRP B 178 -31.45 -0.47 -3.60
N ASP B 179 -32.31 0.40 -4.11
CA ASP B 179 -32.58 0.51 -5.53
C ASP B 179 -31.81 1.73 -6.01
N ILE B 180 -30.81 1.52 -6.87
CA ILE B 180 -29.89 2.58 -7.26
C ILE B 180 -30.52 3.62 -8.17
N GLU B 181 -31.55 3.25 -8.95
CA GLU B 181 -32.10 4.18 -9.93
C GLU B 181 -32.81 5.35 -9.27
N THR B 182 -33.45 5.11 -8.12
CA THR B 182 -34.08 6.17 -7.34
C THR B 182 -33.21 6.62 -6.18
N GLY B 183 -32.76 5.68 -5.35
CA GLY B 183 -31.90 5.97 -4.22
C GLY B 183 -32.46 5.57 -2.89
N GLN B 184 -33.77 5.48 -2.74
CA GLN B 184 -34.36 5.10 -1.46
C GLN B 184 -34.25 3.60 -1.28
N GLN B 185 -34.01 3.16 -0.05
CA GLN B 185 -33.95 1.73 0.22
C GLN B 185 -35.35 1.14 0.16
N THR B 186 -35.48 -0.04 -0.44
CA THR B 186 -36.80 -0.62 -0.62
C THR B 186 -37.17 -1.55 0.52
N THR B 187 -36.19 -2.23 1.11
CA THR B 187 -36.45 -3.16 2.20
C THR B 187 -35.38 -2.98 3.25
N THR B 188 -35.78 -3.04 4.52
CA THR B 188 -34.87 -2.94 5.65
C THR B 188 -34.97 -4.21 6.46
N PHE B 189 -33.86 -4.91 6.62
CA PHE B 189 -33.79 -6.16 7.37
C PHE B 189 -33.27 -5.83 8.76
N THR B 190 -34.14 -5.96 9.76
CA THR B 190 -33.81 -5.76 11.16
C THR B 190 -34.07 -7.02 11.97
N GLY B 191 -33.42 -7.11 13.11
CA GLY B 191 -33.53 -8.27 13.97
C GLY B 191 -32.27 -8.56 14.74
N HIS B 192 -31.15 -8.05 14.27
CA HIS B 192 -29.89 -8.22 14.97
C HIS B 192 -29.84 -7.34 16.21
N THR B 193 -28.96 -7.69 17.13
CA THR B 193 -28.71 -6.87 18.33
C THR B 193 -27.27 -6.40 18.42
N GLY B 194 -26.53 -6.38 17.32
CA GLY B 194 -25.16 -5.91 17.32
C GLY B 194 -24.74 -5.52 15.92
N ASP B 195 -23.50 -5.04 15.83
CA ASP B 195 -22.99 -4.52 14.57
C ASP B 195 -22.84 -5.63 13.54
N VAL B 196 -23.59 -5.53 12.44
CA VAL B 196 -23.48 -6.51 11.37
C VAL B 196 -22.16 -6.29 10.65
N MET B 197 -21.33 -7.32 10.58
CA MET B 197 -19.98 -7.12 10.10
C MET B 197 -19.73 -7.61 8.69
N SER B 198 -20.44 -8.63 8.23
CA SER B 198 -20.28 -9.08 6.86
C SER B 198 -21.50 -9.86 6.42
N LEU B 199 -21.65 -9.97 5.10
CA LEU B 199 -22.71 -10.76 4.49
C LEU B 199 -22.16 -11.47 3.26
N SER B 200 -22.95 -12.41 2.73
CA SER B 200 -22.65 -13.04 1.46
C SER B 200 -23.93 -13.57 0.85
N LEU B 201 -24.08 -13.38 -0.45
CA LEU B 201 -25.31 -13.73 -1.15
C LEU B 201 -25.22 -15.15 -1.67
N ALA B 202 -26.38 -15.77 -1.88
CA ALA B 202 -26.42 -17.12 -2.41
C ALA B 202 -26.05 -17.10 -3.89
N PRO B 203 -25.72 -18.26 -4.47
CA PRO B 203 -25.53 -18.30 -5.93
C PRO B 203 -26.76 -17.96 -6.75
N ASP B 204 -27.97 -18.18 -6.23
CA ASP B 204 -29.18 -17.82 -6.96
C ASP B 204 -29.67 -16.41 -6.63
N THR B 205 -29.06 -15.74 -5.64
CA THR B 205 -29.37 -14.38 -5.19
C THR B 205 -30.84 -14.20 -4.83
N ARG B 206 -31.43 -15.23 -4.24
CA ARG B 206 -32.80 -15.13 -3.74
C ARG B 206 -32.86 -15.04 -2.23
N LEU B 207 -31.78 -15.36 -1.52
CA LEU B 207 -31.70 -15.23 -0.08
C LEU B 207 -30.25 -15.14 0.32
N PHE B 208 -29.95 -14.28 1.29
CA PHE B 208 -28.57 -14.05 1.70
C PHE B 208 -28.43 -14.27 3.19
N VAL B 209 -27.22 -14.15 3.70
CA VAL B 209 -26.94 -14.48 5.09
C VAL B 209 -26.00 -13.42 5.65
N SER B 210 -26.15 -13.09 6.94
CA SER B 210 -25.42 -11.96 7.51
C SER B 210 -25.01 -12.26 8.94
N GLY B 211 -23.78 -11.92 9.29
CA GLY B 211 -23.24 -12.23 10.59
C GLY B 211 -22.85 -11.01 11.40
N ALA B 212 -23.17 -10.99 12.69
CA ALA B 212 -23.05 -9.78 13.49
C ALA B 212 -22.17 -10.01 14.70
N CYS B 213 -22.06 -8.99 15.54
CA CYS B 213 -21.28 -9.08 16.76
C CYS B 213 -22.05 -9.61 17.95
N ASP B 214 -23.28 -10.07 17.78
CA ASP B 214 -23.97 -10.69 18.89
C ASP B 214 -23.81 -12.20 18.91
N ALA B 215 -22.80 -12.71 18.19
CA ALA B 215 -22.52 -14.14 18.02
C ALA B 215 -23.73 -14.88 17.46
N SER B 216 -24.17 -14.47 16.28
CA SER B 216 -25.27 -15.11 15.57
C SER B 216 -25.19 -14.72 14.11
N ALA B 217 -25.62 -15.63 13.23
CA ALA B 217 -25.78 -15.30 11.83
C ALA B 217 -27.20 -15.61 11.41
N LYS B 218 -27.74 -14.80 10.53
CA LYS B 218 -29.15 -14.88 10.20
C LYS B 218 -29.33 -15.01 8.71
N LEU B 219 -30.27 -15.86 8.31
CA LEU B 219 -30.57 -16.15 6.91
C LEU B 219 -31.79 -15.37 6.47
N TRP B 220 -31.60 -14.33 5.69
CA TRP B 220 -32.69 -13.47 5.26
C TRP B 220 -33.17 -13.81 3.87
N ASP B 221 -34.47 -13.67 3.65
CA ASP B 221 -35.07 -13.77 2.33
C ASP B 221 -35.13 -12.39 1.70
N VAL B 222 -34.57 -12.25 0.50
CA VAL B 222 -34.50 -10.93 -0.13
C VAL B 222 -35.85 -10.53 -0.70
N ARG B 223 -36.57 -11.47 -1.30
CA ARG B 223 -37.81 -11.13 -2.01
C ARG B 223 -38.94 -10.80 -1.04
N GLU B 224 -39.11 -11.59 0.02
CA GLU B 224 -40.16 -11.32 0.99
C GLU B 224 -39.75 -10.20 1.94
N GLY B 225 -38.68 -10.42 2.69
CA GLY B 225 -38.17 -9.42 3.62
C GLY B 225 -38.09 -9.85 5.07
N MET B 226 -38.37 -11.11 5.39
CA MET B 226 -38.38 -11.59 6.76
C MET B 226 -37.15 -12.44 7.04
N CYS B 227 -36.72 -12.42 8.30
CA CYS B 227 -35.64 -13.30 8.75
C CYS B 227 -36.15 -14.72 8.82
N ARG B 228 -35.42 -15.66 8.24
CA ARG B 228 -35.91 -17.02 8.17
C ARG B 228 -35.37 -17.90 9.29
N GLN B 229 -34.06 -17.89 9.49
CA GLN B 229 -33.41 -18.75 10.48
C GLN B 229 -32.30 -17.99 11.16
N THR B 230 -32.01 -18.38 12.41
CA THR B 230 -30.86 -17.84 13.13
C THR B 230 -29.95 -18.99 13.54
N PHE B 231 -28.66 -18.71 13.60
CA PHE B 231 -27.66 -19.70 13.92
C PHE B 231 -26.76 -19.13 15.00
N THR B 232 -26.75 -19.79 16.16
CA THR B 232 -25.95 -19.37 17.31
C THR B 232 -25.02 -20.52 17.63
N GLY B 233 -23.74 -20.36 17.30
CA GLY B 233 -22.78 -21.35 17.72
C GLY B 233 -21.55 -20.74 18.32
N HIS B 234 -21.29 -19.48 18.04
CA HIS B 234 -20.01 -18.89 18.39
C HIS B 234 -20.01 -18.40 19.83
N GLU B 235 -18.97 -17.66 20.17
CA GLU B 235 -18.87 -17.02 21.47
C GLU B 235 -18.43 -15.57 21.39
N SER B 236 -18.06 -15.07 20.22
CA SER B 236 -17.64 -13.70 20.05
C SER B 236 -18.17 -13.19 18.72
N ASP B 237 -17.60 -12.08 18.26
CA ASP B 237 -18.11 -11.37 17.10
C ASP B 237 -17.76 -12.09 15.81
N ILE B 238 -18.76 -12.37 14.99
CA ILE B 238 -18.55 -12.92 13.66
C ILE B 238 -18.11 -11.80 12.75
N ASN B 239 -16.95 -11.92 12.14
CA ASN B 239 -16.50 -10.82 11.29
C ASN B 239 -16.14 -11.28 9.89
N ALA B 240 -16.65 -12.42 9.45
CA ALA B 240 -16.48 -12.94 8.10
C ALA B 240 -17.49 -14.05 7.90
N ILE B 241 -18.05 -14.15 6.71
CA ILE B 241 -19.03 -15.18 6.38
C ILE B 241 -18.98 -15.40 4.88
N CYS B 242 -19.30 -16.62 4.44
CA CYS B 242 -19.31 -16.96 3.02
C CYS B 242 -20.14 -18.21 2.79
N PHE B 243 -20.82 -18.27 1.66
CA PHE B 243 -21.66 -19.40 1.30
C PHE B 243 -20.87 -20.56 0.70
N PHE B 244 -21.28 -21.78 1.05
CA PHE B 244 -20.84 -22.97 0.35
C PHE B 244 -21.46 -22.97 -1.05
N PRO B 245 -20.76 -23.48 -2.07
CA PRO B 245 -21.16 -23.18 -3.44
C PRO B 245 -22.48 -23.76 -3.93
N ASN B 246 -23.08 -24.75 -3.27
CA ASN B 246 -24.41 -25.11 -3.74
C ASN B 246 -25.51 -24.34 -3.04
N GLY B 247 -25.16 -23.48 -2.09
CA GLY B 247 -26.14 -22.66 -1.41
C GLY B 247 -26.89 -23.36 -0.30
N ASN B 248 -26.32 -24.38 0.31
CA ASN B 248 -26.99 -25.09 1.40
C ASN B 248 -26.11 -25.23 2.62
N ALA B 249 -25.07 -24.42 2.73
CA ALA B 249 -24.21 -24.38 3.90
C ALA B 249 -23.46 -23.07 3.87
N PHE B 250 -22.97 -22.63 5.03
CA PHE B 250 -22.11 -21.46 5.04
C PHE B 250 -21.16 -21.53 6.21
N ALA B 251 -20.01 -20.89 6.06
CA ALA B 251 -18.95 -21.00 7.04
C ALA B 251 -18.65 -19.63 7.61
N THR B 252 -18.63 -19.54 8.92
CA THR B 252 -18.47 -18.28 9.64
C THR B 252 -17.10 -18.24 10.31
N GLY B 253 -16.53 -17.05 10.36
CA GLY B 253 -15.27 -16.82 11.02
C GLY B 253 -15.39 -15.79 12.12
N SER B 254 -14.80 -16.04 13.28
CA SER B 254 -15.06 -15.19 14.44
C SER B 254 -13.78 -14.76 15.11
N ASP B 255 -13.93 -14.11 16.25
CA ASP B 255 -12.80 -13.61 17.02
C ASP B 255 -12.32 -14.59 18.08
N ASP B 256 -13.00 -15.72 18.28
CA ASP B 256 -12.50 -16.74 19.19
C ASP B 256 -11.71 -17.82 18.49
N ALA B 257 -11.05 -17.47 17.38
CA ALA B 257 -10.05 -18.28 16.70
C ALA B 257 -10.61 -19.58 16.16
N THR B 258 -11.88 -19.59 15.80
CA THR B 258 -12.48 -20.79 15.25
C THR B 258 -13.44 -20.43 14.13
N CYS B 259 -13.40 -21.19 13.05
CA CYS B 259 -14.43 -21.12 12.02
C CYS B 259 -15.41 -22.24 12.26
N ARG B 260 -16.61 -22.12 11.71
CA ARG B 260 -17.48 -23.29 11.77
C ARG B 260 -18.43 -23.29 10.59
N LEU B 261 -18.93 -24.48 10.26
CA LEU B 261 -19.76 -24.70 9.07
C LEU B 261 -21.17 -25.06 9.48
N PHE B 262 -22.11 -24.15 9.26
CA PHE B 262 -23.52 -24.40 9.53
C PHE B 262 -24.22 -24.86 8.26
N ASP B 263 -25.28 -25.62 8.43
CA ASP B 263 -26.06 -26.13 7.31
C ASP B 263 -27.51 -25.68 7.41
N LEU B 264 -28.07 -25.23 6.29
CA LEU B 264 -29.36 -24.57 6.27
C LEU B 264 -30.52 -25.54 6.42
N ARG B 265 -30.47 -26.68 5.74
CA ARG B 265 -31.59 -27.61 5.80
C ARG B 265 -31.63 -28.37 7.11
N ALA B 266 -30.47 -28.77 7.62
CA ALA B 266 -30.39 -29.41 8.93
C ALA B 266 -30.45 -28.41 10.07
N ASP B 267 -30.35 -27.11 9.75
CA ASP B 267 -30.70 -25.99 10.62
C ASP B 267 -29.73 -25.83 11.79
N GLN B 268 -28.55 -26.45 11.72
CA GLN B 268 -27.66 -26.40 12.88
C GLN B 268 -26.22 -26.53 12.41
N GLU B 269 -25.30 -26.51 13.37
CA GLU B 269 -23.88 -26.55 13.10
C GLU B 269 -23.44 -27.97 12.85
N LEU B 270 -22.52 -28.16 11.90
CA LEU B 270 -21.98 -29.47 11.55
C LEU B 270 -20.54 -29.69 11.97
N MET B 271 -19.69 -28.67 11.90
CA MET B 271 -18.27 -28.93 12.06
C MET B 271 -17.59 -27.65 12.53
N THR B 272 -16.54 -27.82 13.34
CA THR B 272 -15.81 -26.72 13.94
C THR B 272 -14.34 -26.83 13.57
N TYR B 273 -13.80 -25.80 12.95
CA TYR B 273 -12.41 -25.77 12.48
C TYR B 273 -11.61 -24.92 13.45
N SER B 274 -10.71 -25.56 14.19
CA SER B 274 -9.87 -24.91 15.18
C SER B 274 -8.66 -25.78 15.49
N HIS B 275 -7.59 -25.14 15.96
CA HIS B 275 -6.40 -25.82 16.45
C HIS B 275 -5.89 -25.09 17.67
N ASP B 276 -5.31 -25.85 18.61
CA ASP B 276 -4.95 -25.30 19.92
C ASP B 276 -3.79 -24.31 19.86
N ASN B 277 -2.99 -24.36 18.80
CA ASN B 277 -1.94 -23.37 18.62
C ASN B 277 -2.43 -22.10 17.92
N ILE B 278 -3.74 -21.98 17.71
CA ILE B 278 -4.34 -20.82 17.07
C ILE B 278 -5.18 -20.09 18.11
N ILE B 279 -4.83 -18.84 18.37
CA ILE B 279 -5.51 -18.05 19.39
C ILE B 279 -6.12 -16.76 18.86
N CYS B 280 -5.77 -16.32 17.67
CA CYS B 280 -6.21 -15.03 17.15
C CYS B 280 -7.40 -15.20 16.22
N GLY B 281 -8.16 -14.13 16.06
CA GLY B 281 -9.43 -14.20 15.36
C GLY B 281 -9.30 -14.24 13.85
N ILE B 282 -10.37 -14.69 13.22
CA ILE B 282 -10.47 -14.83 11.77
C ILE B 282 -11.01 -13.54 11.19
N THR B 283 -10.40 -13.06 10.10
CA THR B 283 -10.87 -11.86 9.44
C THR B 283 -11.52 -12.11 8.09
N SER B 284 -11.27 -13.24 7.45
CA SER B 284 -11.83 -13.51 6.14
C SER B 284 -12.03 -15.00 5.97
N VAL B 285 -13.10 -15.37 5.29
CA VAL B 285 -13.44 -16.76 5.02
C VAL B 285 -14.02 -16.84 3.62
N SER B 286 -13.51 -17.76 2.79
CA SER B 286 -14.19 -18.11 1.55
C SER B 286 -13.83 -19.53 1.18
N PHE B 287 -14.77 -20.22 0.55
CA PHE B 287 -14.60 -21.60 0.16
C PHE B 287 -13.75 -21.68 -1.10
N SER B 288 -13.66 -22.86 -1.69
CA SER B 288 -13.08 -23.06 -3.01
C SER B 288 -14.18 -23.51 -3.97
N LYS B 289 -13.79 -23.78 -5.21
CA LYS B 289 -14.80 -24.03 -6.24
C LYS B 289 -15.51 -25.36 -6.05
N SER B 290 -14.85 -26.36 -5.46
CA SER B 290 -15.56 -27.56 -5.07
C SER B 290 -16.31 -27.35 -3.77
N GLY B 291 -15.68 -26.68 -2.82
CA GLY B 291 -16.24 -26.58 -1.50
C GLY B 291 -15.45 -27.44 -0.52
N ARG B 292 -14.19 -27.71 -0.84
CA ARG B 292 -13.39 -28.59 -0.03
C ARG B 292 -12.20 -27.86 0.59
N LEU B 293 -11.98 -26.61 0.25
CA LEU B 293 -10.90 -25.88 0.90
C LEU B 293 -11.48 -24.66 1.58
N LEU B 294 -11.78 -24.76 2.87
CA LEU B 294 -12.20 -23.59 3.63
C LEU B 294 -10.94 -22.79 3.93
N LEU B 295 -10.71 -21.75 3.14
CA LEU B 295 -9.58 -20.89 3.41
C LEU B 295 -9.94 -19.91 4.51
N ALA B 296 -8.94 -19.40 5.21
CA ALA B 296 -9.21 -18.45 6.27
C ALA B 296 -8.03 -17.52 6.44
N GLY B 297 -8.30 -16.23 6.61
CA GLY B 297 -7.27 -15.26 6.92
C GLY B 297 -7.29 -14.94 8.40
N TYR B 298 -6.11 -14.89 9.01
CA TYR B 298 -6.02 -14.75 10.45
C TYR B 298 -5.34 -13.43 10.82
N ASP B 299 -5.32 -13.16 12.12
CA ASP B 299 -4.61 -11.99 12.63
C ASP B 299 -3.12 -12.23 12.81
N ASP B 300 -2.67 -13.49 12.80
CA ASP B 300 -1.25 -13.80 12.95
C ASP B 300 -0.49 -13.78 11.64
N PHE B 301 -0.99 -13.05 10.66
CA PHE B 301 -0.37 -12.62 9.42
C PHE B 301 -0.35 -13.73 8.38
N ASN B 302 -0.99 -14.87 8.59
CA ASN B 302 -0.98 -15.90 7.56
C ASN B 302 -2.33 -16.55 7.44
N CYS B 303 -2.63 -17.03 6.24
CA CYS B 303 -3.85 -17.75 5.94
C CYS B 303 -3.65 -19.23 6.18
N ASN B 304 -4.76 -19.93 6.41
CA ASN B 304 -4.74 -21.36 6.67
C ASN B 304 -5.76 -22.00 5.76
N VAL B 305 -5.43 -23.16 5.19
CA VAL B 305 -6.35 -23.88 4.33
C VAL B 305 -6.87 -25.10 5.06
N TRP B 306 -8.17 -25.17 5.30
CA TRP B 306 -8.76 -26.25 6.07
C TRP B 306 -9.43 -27.23 5.12
N ASP B 307 -9.14 -28.51 5.27
CA ASP B 307 -9.87 -29.51 4.53
C ASP B 307 -11.27 -29.61 5.08
N ALA B 308 -12.25 -29.07 4.34
CA ALA B 308 -13.54 -28.75 4.91
C ALA B 308 -14.52 -29.92 4.96
N LEU B 309 -14.04 -31.15 4.87
CA LEU B 309 -14.90 -32.30 5.10
C LEU B 309 -14.46 -33.18 6.24
N LYS B 310 -13.16 -33.24 6.54
CA LYS B 310 -12.68 -33.99 7.69
C LYS B 310 -12.07 -33.07 8.75
N ALA B 311 -12.12 -31.77 8.55
CA ALA B 311 -11.76 -30.67 9.46
C ALA B 311 -10.27 -30.57 9.78
N ASP B 312 -9.44 -31.50 9.34
CA ASP B 312 -8.02 -31.41 9.59
C ASP B 312 -7.45 -30.29 8.74
N ARG B 313 -6.41 -29.65 9.23
CA ARG B 313 -5.77 -28.61 8.44
C ARG B 313 -5.01 -29.23 7.29
N ALA B 314 -4.72 -28.42 6.27
CA ALA B 314 -4.01 -28.94 5.11
C ALA B 314 -3.04 -27.95 4.48
N GLY B 315 -2.49 -27.02 5.25
CA GLY B 315 -1.46 -26.16 4.71
C GLY B 315 -1.72 -24.72 5.07
N VAL B 316 -0.68 -23.91 4.93
CA VAL B 316 -0.78 -22.48 5.24
C VAL B 316 -0.36 -21.69 4.01
N LEU B 317 -0.63 -20.39 4.04
CA LEU B 317 -0.19 -19.47 2.99
C LEU B 317 0.46 -18.28 3.67
N ALA B 318 1.69 -18.42 4.10
CA ALA B 318 2.38 -17.36 4.82
C ALA B 318 3.13 -16.47 3.85
N GLY B 319 3.42 -15.25 4.27
CA GLY B 319 4.07 -14.31 3.38
C GLY B 319 3.68 -12.87 3.59
N HIS B 320 2.71 -12.62 4.47
CA HIS B 320 2.29 -11.26 4.77
C HIS B 320 2.99 -10.77 6.03
N ASP B 321 3.37 -9.49 6.03
CA ASP B 321 4.00 -8.92 7.21
C ASP B 321 2.99 -8.46 8.26
N ASN B 322 1.76 -8.18 7.87
CA ASN B 322 0.77 -7.66 8.80
C ASN B 322 -0.53 -8.42 8.60
N ARG B 323 -1.58 -7.94 9.25
CA ARG B 323 -2.83 -8.67 9.39
C ARG B 323 -3.53 -8.83 8.06
N VAL B 324 -3.94 -10.06 7.75
CA VAL B 324 -4.72 -10.33 6.54
C VAL B 324 -6.13 -9.82 6.75
N SER B 325 -6.54 -8.82 5.97
CA SER B 325 -7.84 -8.21 6.15
C SER B 325 -8.86 -8.59 5.09
N CYS B 326 -8.43 -9.14 3.96
CA CYS B 326 -9.41 -9.55 2.95
C CYS B 326 -8.85 -10.70 2.14
N LEU B 327 -9.76 -11.46 1.53
CA LEU B 327 -9.38 -12.68 0.83
C LEU B 327 -10.50 -13.07 -0.12
N GLY B 328 -10.15 -13.58 -1.29
CA GLY B 328 -11.15 -13.96 -2.27
C GLY B 328 -10.72 -14.96 -3.32
N VAL B 329 -11.62 -15.84 -3.73
CA VAL B 329 -11.37 -16.90 -4.70
C VAL B 329 -12.12 -16.55 -5.98
N THR B 330 -11.45 -16.66 -7.13
CA THR B 330 -12.05 -16.28 -8.40
C THR B 330 -13.19 -17.24 -8.77
N ASP B 331 -13.96 -16.84 -9.78
CA ASP B 331 -15.17 -17.59 -10.10
C ASP B 331 -14.87 -18.88 -10.86
N ASP B 332 -13.75 -18.96 -11.56
CA ASP B 332 -13.35 -20.23 -12.14
C ASP B 332 -12.48 -21.05 -11.21
N GLY B 333 -12.15 -20.51 -10.04
CA GLY B 333 -11.45 -21.28 -9.03
C GLY B 333 -9.98 -21.44 -9.23
N MET B 334 -9.33 -20.49 -9.91
CA MET B 334 -7.96 -20.68 -10.32
C MET B 334 -6.98 -19.75 -9.62
N ALA B 335 -7.43 -18.99 -8.62
CA ALA B 335 -6.52 -18.18 -7.83
C ALA B 335 -7.14 -17.92 -6.47
N VAL B 336 -6.34 -17.32 -5.59
CA VAL B 336 -6.75 -16.86 -4.28
C VAL B 336 -6.01 -15.56 -4.06
N ALA B 337 -6.72 -14.46 -3.87
CA ALA B 337 -6.07 -13.20 -3.63
C ALA B 337 -6.26 -12.80 -2.18
N THR B 338 -5.16 -12.61 -1.48
CA THR B 338 -5.20 -12.18 -0.09
C THR B 338 -4.62 -10.78 -0.01
N GLY B 339 -5.33 -9.88 0.64
CA GLY B 339 -4.89 -8.51 0.80
C GLY B 339 -4.76 -8.17 2.26
N SER B 340 -3.65 -7.54 2.62
CA SER B 340 -3.33 -7.40 4.02
C SER B 340 -2.86 -5.99 4.33
N TRP B 341 -2.62 -5.74 5.61
CA TRP B 341 -2.40 -4.38 6.11
C TRP B 341 -1.02 -3.84 5.81
N ASP B 342 -0.17 -4.56 5.09
CA ASP B 342 1.09 -3.98 4.63
C ASP B 342 1.00 -3.47 3.21
N SER B 343 -0.18 -3.02 2.79
CA SER B 343 -0.44 -2.39 1.50
C SER B 343 -0.23 -3.34 0.33
N PHE B 344 -0.35 -4.64 0.52
CA PHE B 344 -0.08 -5.60 -0.55
C PHE B 344 -1.25 -6.53 -0.75
N LEU B 345 -1.56 -6.79 -2.00
CA LEU B 345 -2.36 -7.91 -2.44
C LEU B 345 -1.41 -8.97 -2.99
N LYS B 346 -1.76 -10.23 -2.82
CA LYS B 346 -0.92 -11.32 -3.31
C LYS B 346 -1.80 -12.41 -3.88
N ILE B 347 -1.39 -12.95 -5.02
CA ILE B 347 -2.13 -13.98 -5.72
C ILE B 347 -1.45 -15.32 -5.51
N TRP B 348 -2.23 -16.36 -5.25
CA TRP B 348 -1.72 -17.68 -4.94
C TRP B 348 -2.52 -18.70 -5.71
N ASN B 349 -1.87 -19.71 -6.27
CA ASN B 349 -2.62 -20.86 -6.77
C ASN B 349 -1.81 -22.14 -6.78
N ASN C 5 -44.04 2.25 28.30
CA ASN C 5 -43.48 0.92 28.51
C ASN C 5 -44.16 -0.11 27.61
N THR C 6 -45.12 0.36 26.80
CA THR C 6 -45.83 -0.51 25.89
C THR C 6 -44.96 -0.87 24.67
N ALA C 7 -43.92 -0.08 24.40
CA ALA C 7 -43.00 -0.42 23.32
C ALA C 7 -42.22 -1.69 23.62
N SER C 8 -41.92 -1.93 24.91
CA SER C 8 -41.31 -3.20 25.29
C SER C 8 -42.26 -4.37 25.09
N ILE C 9 -43.55 -4.15 25.31
CA ILE C 9 -44.55 -5.18 25.07
C ILE C 9 -44.67 -5.47 23.58
N ALA C 10 -44.61 -4.44 22.74
CA ALA C 10 -44.66 -4.62 21.29
C ALA C 10 -43.44 -5.37 20.79
N GLN C 11 -42.26 -5.03 21.33
CA GLN C 11 -41.03 -5.72 20.95
C GLN C 11 -41.05 -7.18 21.40
N ALA C 12 -41.60 -7.45 22.57
CA ALA C 12 -41.66 -8.83 23.05
C ALA C 12 -42.65 -9.67 22.24
N ARG C 13 -43.78 -9.07 21.85
CA ARG C 13 -44.74 -9.80 21.01
C ARG C 13 -44.17 -10.04 19.62
N LYS C 14 -43.44 -9.06 19.07
CA LYS C 14 -42.77 -9.25 17.79
C LYS C 14 -41.72 -10.35 17.88
N LEU C 15 -41.00 -10.42 19.00
CA LEU C 15 -39.94 -11.41 19.14
C LEU C 15 -40.53 -12.81 19.28
N VAL C 16 -41.63 -12.97 20.01
CA VAL C 16 -42.20 -14.31 20.14
C VAL C 16 -42.89 -14.73 18.85
N GLU C 17 -43.39 -13.77 18.07
CA GLU C 17 -43.95 -14.11 16.76
C GLU C 17 -42.85 -14.54 15.81
N GLN C 18 -41.69 -13.87 15.90
CA GLN C 18 -40.51 -14.28 15.14
C GLN C 18 -40.07 -15.69 15.51
N LEU C 19 -40.11 -16.02 16.81
CA LEU C 19 -39.66 -17.34 17.23
C LEU C 19 -40.63 -18.45 16.81
N LYS C 20 -41.95 -18.22 16.90
CA LYS C 20 -42.86 -19.29 16.49
C LYS C 20 -42.91 -19.39 14.97
N MET C 21 -42.56 -18.31 14.26
CA MET C 21 -42.42 -18.44 12.81
C MET C 21 -41.13 -19.19 12.46
N GLU C 22 -40.09 -19.07 13.28
CA GLU C 22 -38.88 -19.85 13.05
C GLU C 22 -39.00 -21.29 13.52
N ALA C 23 -40.01 -21.63 14.32
CA ALA C 23 -40.11 -22.97 14.84
C ALA C 23 -40.81 -23.95 13.91
N ASN C 24 -41.55 -23.45 12.91
CA ASN C 24 -42.42 -24.29 12.09
C ASN C 24 -41.81 -24.58 10.72
N ILE C 25 -40.51 -24.75 10.63
CA ILE C 25 -39.88 -25.17 9.38
C ILE C 25 -39.54 -26.64 9.47
N ASP C 26 -39.53 -27.31 8.32
CA ASP C 26 -39.20 -28.72 8.26
C ASP C 26 -37.69 -28.90 8.19
N ARG C 27 -37.16 -29.83 8.97
CA ARG C 27 -35.72 -30.09 9.04
C ARG C 27 -35.44 -31.52 8.64
N ILE C 28 -34.51 -31.70 7.72
CA ILE C 28 -34.02 -33.03 7.40
C ILE C 28 -32.94 -33.41 8.39
N LYS C 29 -32.62 -34.70 8.44
CA LYS C 29 -31.63 -35.17 9.41
C LYS C 29 -30.21 -34.81 8.97
N VAL C 30 -29.29 -34.80 9.93
CA VAL C 30 -27.93 -34.31 9.70
C VAL C 30 -27.16 -35.30 8.82
N SER C 31 -27.53 -36.58 8.87
CA SER C 31 -26.85 -37.59 8.06
C SER C 31 -27.04 -37.33 6.57
N LYS C 32 -28.26 -36.98 6.16
CA LYS C 32 -28.52 -36.72 4.75
C LYS C 32 -27.85 -35.42 4.29
N ALA C 33 -27.80 -34.41 5.16
CA ALA C 33 -27.17 -33.15 4.78
C ALA C 33 -25.67 -33.29 4.64
N ALA C 34 -25.05 -34.06 5.54
CA ALA C 34 -23.62 -34.33 5.42
C ALA C 34 -23.33 -35.18 4.18
N ALA C 35 -24.24 -36.12 3.86
CA ALA C 35 -24.05 -36.93 2.66
C ALA C 35 -24.15 -36.10 1.39
N ASP C 36 -25.04 -35.10 1.37
CA ASP C 36 -25.16 -34.26 0.18
C ASP C 36 -23.99 -33.30 0.04
N LEU C 37 -23.46 -32.79 1.16
CA LEU C 37 -22.23 -31.99 1.08
C LEU C 37 -21.06 -32.83 0.59
N MET C 38 -20.97 -34.09 1.03
CA MET C 38 -19.91 -34.96 0.56
C MET C 38 -20.07 -35.30 -0.92
N ALA C 39 -21.30 -35.50 -1.37
CA ALA C 39 -21.55 -35.85 -2.75
C ALA C 39 -21.25 -34.69 -3.68
N TYR C 40 -21.61 -33.47 -3.28
CA TYR C 40 -21.25 -32.30 -4.09
C TYR C 40 -19.76 -32.04 -4.06
N CYS C 41 -19.09 -32.35 -2.95
CA CYS C 41 -17.66 -32.10 -2.92
C CYS C 41 -16.87 -33.14 -3.70
N GLU C 42 -17.43 -34.31 -3.93
CA GLU C 42 -16.74 -35.31 -4.72
C GLU C 42 -17.22 -35.40 -6.17
N ALA C 43 -18.33 -34.74 -6.52
CA ALA C 43 -18.74 -34.71 -7.91
C ALA C 43 -18.19 -33.51 -8.68
N HIS C 44 -17.62 -32.53 -7.99
CA HIS C 44 -16.92 -31.42 -8.61
C HIS C 44 -15.46 -31.40 -8.21
N ALA C 45 -14.85 -32.58 -8.09
CA ALA C 45 -13.47 -32.67 -7.67
C ALA C 45 -12.52 -32.45 -8.83
N LYS C 46 -12.90 -32.85 -10.03
CA LYS C 46 -12.03 -32.73 -11.19
C LYS C 46 -11.97 -31.30 -11.72
N GLU C 47 -12.83 -30.41 -11.26
CA GLU C 47 -12.92 -29.04 -11.77
C GLU C 47 -12.44 -28.02 -10.76
N ASP C 48 -11.41 -28.33 -9.99
CA ASP C 48 -10.91 -27.42 -8.97
C ASP C 48 -9.43 -27.19 -9.16
N PRO C 49 -9.00 -26.05 -9.69
CA PRO C 49 -7.57 -25.80 -9.87
C PRO C 49 -6.82 -25.46 -8.60
N LEU C 50 -7.43 -25.51 -7.42
CA LEU C 50 -6.71 -25.39 -6.17
C LEU C 50 -6.56 -26.72 -5.45
N LEU C 51 -7.57 -27.58 -5.54
CA LEU C 51 -7.45 -28.92 -4.99
C LEU C 51 -6.53 -29.78 -5.84
N THR C 52 -6.90 -29.99 -7.10
CA THR C 52 -6.11 -30.73 -8.07
C THR C 52 -5.31 -29.73 -8.89
N PRO C 53 -4.00 -29.62 -8.70
CA PRO C 53 -3.25 -28.58 -9.41
C PRO C 53 -3.10 -28.91 -10.89
N VAL C 54 -3.32 -27.89 -11.71
CA VAL C 54 -3.30 -28.00 -13.17
C VAL C 54 -1.86 -27.84 -13.63
N PRO C 55 -1.50 -28.38 -14.80
CA PRO C 55 -0.15 -28.16 -15.32
C PRO C 55 0.06 -26.72 -15.72
N ALA C 56 1.33 -26.32 -15.84
CA ALA C 56 1.68 -24.93 -16.08
C ALA C 56 1.44 -24.48 -17.51
N SER C 57 0.89 -25.33 -18.38
CA SER C 57 0.47 -24.89 -19.70
C SER C 57 -0.94 -24.31 -19.71
N GLU C 58 -1.77 -24.69 -18.75
CA GLU C 58 -3.15 -24.18 -18.65
C GLU C 58 -3.34 -23.29 -17.43
N ASN C 59 -2.26 -22.83 -16.83
CA ASN C 59 -2.30 -22.00 -15.63
C ASN C 59 -1.87 -20.59 -15.99
N PRO C 60 -2.79 -19.63 -16.10
CA PRO C 60 -2.44 -18.32 -16.67
C PRO C 60 -1.73 -17.39 -15.71
N PHE C 61 -1.65 -17.72 -14.43
CA PHE C 61 -0.87 -16.95 -13.48
C PHE C 61 0.57 -17.43 -13.38
N ARG C 62 1.05 -18.18 -14.37
CA ARG C 62 2.42 -18.68 -14.38
C ARG C 62 3.42 -17.56 -14.53
N ASP D 3 -21.50 18.33 -24.61
CA ASP D 3 -21.40 16.96 -25.07
C ASP D 3 -20.01 16.69 -25.63
N VAL D 4 -19.72 15.44 -25.97
CA VAL D 4 -18.40 15.07 -26.47
C VAL D 4 -18.24 15.53 -27.90
N GLN D 5 -17.23 16.37 -28.17
CA GLN D 5 -16.88 16.69 -29.54
C GLN D 5 -15.43 17.15 -29.64
N LEU D 6 -14.88 16.96 -30.83
CA LEU D 6 -13.56 17.45 -31.23
C LEU D 6 -13.78 18.30 -32.47
N VAL D 7 -13.15 19.46 -32.55
CA VAL D 7 -13.31 20.30 -33.72
C VAL D 7 -11.95 20.87 -34.12
N GLU D 8 -11.62 20.76 -35.40
CA GLU D 8 -10.30 21.15 -35.89
C GLU D 8 -10.42 22.23 -36.95
N SER D 9 -9.36 23.03 -37.06
CA SER D 9 -9.29 24.10 -38.03
C SER D 9 -7.85 24.41 -38.39
N GLY D 10 -7.67 25.13 -39.49
CA GLY D 10 -6.36 25.45 -40.00
C GLY D 10 -6.11 24.98 -41.42
N GLY D 11 -7.16 24.85 -42.21
CA GLY D 11 -7.07 24.36 -43.57
C GLY D 11 -6.83 25.47 -44.57
N GLY D 12 -7.27 25.25 -45.80
CA GLY D 12 -7.20 26.26 -46.83
C GLY D 12 -5.96 26.14 -47.69
N LEU D 13 -5.85 27.08 -48.63
CA LEU D 13 -4.88 27.00 -49.72
C LEU D 13 -3.46 27.21 -49.21
N VAL D 14 -2.57 26.28 -49.57
CA VAL D 14 -1.14 26.41 -49.29
C VAL D 14 -0.37 26.02 -50.56
N GLN D 15 0.54 26.88 -50.98
CA GLN D 15 1.36 26.56 -52.13
C GLN D 15 2.56 25.72 -51.68
N PRO D 16 3.08 24.83 -52.54
CA PRO D 16 4.02 23.80 -52.06
C PRO D 16 5.33 24.36 -51.56
N GLY D 17 5.94 23.60 -50.66
CA GLY D 17 7.10 24.07 -49.93
C GLY D 17 6.76 24.91 -48.72
N GLY D 18 5.49 25.26 -48.51
CA GLY D 18 5.11 26.14 -47.43
C GLY D 18 5.01 25.46 -46.09
N SER D 19 4.21 26.02 -45.19
CA SER D 19 4.05 25.47 -43.85
C SER D 19 2.69 25.89 -43.31
N ARG D 20 2.13 25.04 -42.45
CA ARG D 20 0.79 25.26 -41.94
C ARG D 20 0.63 24.48 -40.64
N LYS D 21 -0.17 25.03 -39.73
CA LYS D 21 -0.42 24.39 -38.45
C LYS D 21 -1.91 24.12 -38.31
N LEU D 22 -2.25 22.90 -37.90
CA LEU D 22 -3.64 22.50 -37.70
C LEU D 22 -3.91 22.29 -36.21
N SER D 23 -5.08 22.75 -35.77
CA SER D 23 -5.44 22.73 -34.36
C SER D 23 -6.74 22.00 -34.16
N CYS D 24 -6.78 21.14 -33.14
CA CYS D 24 -7.96 20.34 -32.82
C CYS D 24 -8.27 20.57 -31.35
N SER D 25 -9.38 21.25 -31.08
CA SER D 25 -9.78 21.60 -29.72
C SER D 25 -10.87 20.64 -29.26
N ALA D 26 -10.74 20.17 -28.02
CA ALA D 26 -11.59 19.15 -27.46
C ALA D 26 -12.56 19.74 -26.45
N SER D 27 -13.80 19.28 -26.46
CA SER D 27 -14.83 19.80 -25.58
C SER D 27 -15.65 18.62 -25.08
N GLY D 28 -15.57 18.33 -23.80
CA GLY D 28 -16.49 17.39 -23.21
C GLY D 28 -15.94 16.05 -22.76
N PHE D 29 -14.63 15.88 -22.71
CA PHE D 29 -14.07 14.67 -22.12
C PHE D 29 -12.76 15.00 -21.46
N ALA D 30 -12.24 14.03 -20.71
CA ALA D 30 -10.98 14.20 -19.99
C ALA D 30 -9.84 14.06 -20.97
N PHE D 31 -9.40 15.21 -21.51
CA PHE D 31 -8.44 15.21 -22.61
C PHE D 31 -7.06 14.78 -22.16
N SER D 32 -6.75 14.91 -20.87
CA SER D 32 -5.40 14.61 -20.44
C SER D 32 -5.10 13.12 -20.36
N SER D 33 -6.10 12.25 -20.56
CA SER D 33 -5.90 10.81 -20.44
C SER D 33 -6.23 10.05 -21.72
N PHE D 34 -6.30 10.71 -22.85
CA PHE D 34 -6.66 10.08 -24.11
C PHE D 34 -5.49 10.20 -25.09
N GLY D 35 -5.03 9.08 -25.61
CA GLY D 35 -4.09 9.14 -26.71
C GLY D 35 -4.77 9.69 -27.95
N MET D 36 -4.06 10.52 -28.69
CA MET D 36 -4.70 11.21 -29.80
C MET D 36 -3.97 10.96 -31.10
N HIS D 37 -4.72 10.60 -32.14
CA HIS D 37 -4.22 10.25 -33.44
C HIS D 37 -4.62 11.31 -34.44
N TRP D 38 -3.89 11.39 -35.54
CA TRP D 38 -4.29 12.17 -36.69
C TRP D 38 -4.36 11.21 -37.86
N VAL D 39 -5.47 11.22 -38.59
CA VAL D 39 -5.72 10.31 -39.70
C VAL D 39 -6.24 11.12 -40.87
N ARG D 40 -5.62 11.01 -42.04
CA ARG D 40 -5.99 11.86 -43.14
C ARG D 40 -6.72 11.10 -44.23
N GLN D 41 -7.36 11.83 -45.14
CA GLN D 41 -8.08 11.22 -46.24
C GLN D 41 -7.90 12.05 -47.48
N ALA D 42 -7.43 11.43 -48.56
CA ALA D 42 -7.25 12.06 -49.87
C ALA D 42 -8.60 12.50 -50.45
N PRO D 43 -8.64 13.37 -51.47
CA PRO D 43 -9.95 13.80 -52.00
C PRO D 43 -10.78 12.71 -52.66
N GLU D 44 -10.18 11.60 -53.09
CA GLU D 44 -10.96 10.49 -53.63
C GLU D 44 -10.53 9.11 -53.14
N LYS D 45 -9.38 8.97 -52.51
CA LYS D 45 -8.91 7.66 -52.08
C LYS D 45 -9.47 7.34 -50.68
N GLY D 46 -8.93 6.31 -50.04
CA GLY D 46 -9.34 5.92 -48.72
C GLY D 46 -8.40 6.44 -47.65
N LEU D 47 -8.65 6.01 -46.42
CA LEU D 47 -7.94 6.54 -45.27
C LEU D 47 -6.50 6.08 -45.23
N GLU D 48 -5.68 6.85 -44.52
CA GLU D 48 -4.30 6.49 -44.19
C GLU D 48 -3.92 7.24 -42.93
N TRP D 49 -2.97 6.69 -42.21
CA TRP D 49 -2.60 7.19 -40.91
C TRP D 49 -1.44 8.17 -41.05
N VAL D 50 -1.43 9.26 -40.26
CA VAL D 50 -0.36 10.24 -40.33
C VAL D 50 0.37 10.45 -39.01
N ALA D 51 -0.31 10.50 -37.86
CA ALA D 51 0.48 10.75 -36.65
C ALA D 51 -0.18 10.18 -35.40
N TYR D 52 0.62 10.05 -34.33
CA TYR D 52 0.05 9.63 -33.05
C TYR D 52 0.86 10.17 -31.90
N ILE D 53 0.17 10.72 -30.89
CA ILE D 53 0.81 11.18 -29.65
C ILE D 53 0.08 10.53 -28.48
N SER D 54 0.83 10.08 -27.49
CA SER D 54 0.26 9.30 -26.40
C SER D 54 -0.36 10.21 -25.36
N SER D 55 -0.73 9.64 -24.22
CA SER D 55 -1.18 10.42 -23.08
C SER D 55 0.01 10.75 -22.20
N GLY D 56 0.18 12.03 -21.90
CA GLY D 56 1.40 12.48 -21.26
C GLY D 56 2.54 12.73 -22.21
N SER D 57 2.31 12.61 -23.51
CA SER D 57 3.24 12.89 -24.61
C SER D 57 4.52 12.07 -24.54
N GLY D 58 4.52 10.95 -23.84
CA GLY D 58 5.71 10.17 -23.70
C GLY D 58 6.03 9.22 -24.83
N THR D 59 5.25 9.24 -25.91
CA THR D 59 5.45 8.33 -27.02
C THR D 59 4.81 8.95 -28.26
N ILE D 60 5.59 9.11 -29.32
CA ILE D 60 5.11 9.71 -30.55
C ILE D 60 5.50 8.79 -31.72
N TYR D 61 4.57 8.56 -32.63
CA TYR D 61 4.86 7.80 -33.84
C TYR D 61 4.40 8.58 -35.05
N TYR D 62 5.08 8.37 -36.19
CA TYR D 62 4.72 8.99 -37.45
C TYR D 62 4.58 7.93 -38.53
N ALA D 63 4.07 8.35 -39.67
CA ALA D 63 3.97 7.47 -40.82
C ALA D 63 5.26 7.48 -41.59
N ASP D 64 5.40 6.56 -42.54
CA ASP D 64 6.60 6.52 -43.35
C ASP D 64 6.64 7.62 -44.40
N THR D 65 5.51 8.26 -44.69
CA THR D 65 5.50 9.31 -45.69
C THR D 65 5.88 10.66 -45.10
N VAL D 66 5.46 10.94 -43.87
CA VAL D 66 5.60 12.27 -43.32
C VAL D 66 6.60 12.32 -42.17
N LYS D 67 7.46 11.32 -42.04
CA LYS D 67 8.41 11.33 -40.95
C LYS D 67 9.47 12.38 -41.18
N GLY D 68 9.55 13.35 -40.27
CA GLY D 68 10.58 14.34 -40.37
C GLY D 68 10.10 15.69 -40.84
N ARG D 69 9.00 15.73 -41.59
CA ARG D 69 8.47 17.00 -42.04
C ARG D 69 7.14 17.37 -41.39
N PHE D 70 6.56 16.49 -40.57
CA PHE D 70 5.39 16.80 -39.77
C PHE D 70 5.79 16.71 -38.31
N THR D 71 5.18 17.53 -37.46
CA THR D 71 5.50 17.50 -36.04
C THR D 71 4.23 17.69 -35.24
N ILE D 72 3.91 16.71 -34.40
CA ILE D 72 2.67 16.70 -33.63
C ILE D 72 2.99 17.03 -32.18
N SER D 73 2.08 17.74 -31.52
CA SER D 73 2.22 17.98 -30.09
C SER D 73 0.86 18.31 -29.51
N ARG D 74 0.79 18.39 -28.20
CA ARG D 74 -0.48 18.62 -27.52
C ARG D 74 -0.29 19.62 -26.39
N ASP D 75 -1.34 20.38 -26.10
CA ASP D 75 -1.39 21.29 -24.96
C ASP D 75 -2.52 20.81 -24.06
N ASP D 76 -2.15 20.19 -22.94
CA ASP D 76 -3.15 19.60 -22.05
C ASP D 76 -3.91 20.62 -21.21
N PRO D 77 -3.31 21.70 -20.66
CA PRO D 77 -4.17 22.69 -19.99
C PRO D 77 -5.07 23.48 -20.92
N LYS D 78 -4.62 23.80 -22.12
CA LYS D 78 -5.46 24.55 -23.03
C LYS D 78 -6.39 23.66 -23.85
N ASN D 79 -6.24 22.34 -23.74
CA ASN D 79 -7.04 21.32 -24.45
C ASN D 79 -6.95 21.50 -25.97
N THR D 80 -5.74 21.33 -26.51
CA THR D 80 -5.57 21.40 -27.96
C THR D 80 -4.59 20.33 -28.43
N LEU D 81 -4.73 19.99 -29.71
CA LEU D 81 -3.82 19.09 -30.42
C LEU D 81 -3.33 19.79 -31.67
N PHE D 82 -2.01 19.85 -31.85
CA PHE D 82 -1.40 20.58 -32.94
C PHE D 82 -0.67 19.64 -33.87
N LEU D 83 -0.78 19.89 -35.17
CA LEU D 83 0.08 19.27 -36.18
C LEU D 83 0.71 20.39 -37.00
N GLN D 84 2.03 20.54 -36.89
CA GLN D 84 2.77 21.56 -37.62
C GLN D 84 3.45 20.90 -38.80
N MET D 85 3.03 21.26 -40.00
CA MET D 85 3.49 20.63 -41.23
C MET D 85 4.39 21.60 -41.98
N THR D 86 5.62 21.18 -42.25
CA THR D 86 6.54 21.91 -43.10
C THR D 86 6.94 21.03 -44.27
N SER D 87 7.43 21.69 -45.32
CA SER D 87 7.86 21.06 -46.58
C SER D 87 6.73 20.25 -47.20
N LEU D 88 5.64 20.95 -47.51
CA LEU D 88 4.47 20.27 -48.06
C LEU D 88 4.69 19.93 -49.52
N ARG D 89 4.38 18.70 -49.89
CA ARG D 89 4.34 18.30 -51.28
C ARG D 89 2.94 18.51 -51.81
N SER D 90 2.72 18.14 -53.06
CA SER D 90 1.39 18.19 -53.63
C SER D 90 0.59 16.92 -53.35
N GLU D 91 1.13 16.00 -52.57
CA GLU D 91 0.42 14.80 -52.14
C GLU D 91 -0.01 14.87 -50.69
N ASP D 92 -0.16 16.06 -50.14
CA ASP D 92 -0.72 16.25 -48.82
C ASP D 92 -2.08 16.91 -48.86
N THR D 93 -2.58 17.25 -50.05
CA THR D 93 -3.92 17.78 -50.19
C THR D 93 -4.94 16.74 -49.77
N ALA D 94 -5.66 17.04 -48.69
CA ALA D 94 -6.41 16.01 -48.00
C ALA D 94 -7.45 16.65 -47.12
N MET D 95 -8.10 15.83 -46.31
CA MET D 95 -9.01 16.24 -45.25
C MET D 95 -8.55 15.53 -44.00
N TYR D 96 -8.26 16.28 -42.96
CA TYR D 96 -7.57 15.72 -41.81
C TYR D 96 -8.55 15.54 -40.67
N TYR D 97 -8.47 14.38 -40.01
CA TYR D 97 -9.36 14.00 -38.92
C TYR D 97 -8.55 13.78 -37.66
N CYS D 98 -9.11 14.15 -36.53
CA CYS D 98 -8.43 14.13 -35.25
C CYS D 98 -9.14 13.11 -34.39
N VAL D 99 -8.48 12.00 -34.07
CA VAL D 99 -9.16 10.80 -33.59
C VAL D 99 -8.71 10.45 -32.19
N ARG D 100 -9.62 10.40 -31.24
CA ARG D 100 -9.26 10.03 -29.88
C ARG D 100 -9.19 8.53 -29.75
N SER D 101 -8.43 8.05 -28.77
CA SER D 101 -8.31 6.62 -28.51
C SER D 101 -7.71 6.42 -27.13
N ILE D 102 -8.33 5.56 -26.32
CA ILE D 102 -7.88 5.30 -24.96
C ILE D 102 -7.52 3.82 -24.85
N TYR D 103 -6.42 3.51 -24.17
CA TYR D 103 -5.90 2.14 -24.13
C TYR D 103 -5.81 1.64 -22.69
N TYR D 104 -6.72 0.75 -22.31
CA TYR D 104 -6.59 -0.06 -21.12
C TYR D 104 -7.24 -1.40 -21.43
N TYR D 105 -7.34 -2.29 -20.43
CA TYR D 105 -7.88 -3.62 -20.70
C TYR D 105 -9.39 -3.55 -20.88
N GLY D 106 -9.86 -3.87 -22.08
CA GLY D 106 -11.27 -3.78 -22.37
C GLY D 106 -11.74 -2.45 -22.86
N SER D 107 -10.83 -1.56 -23.26
CA SER D 107 -11.19 -0.23 -23.69
C SER D 107 -11.65 -0.25 -25.14
N SER D 108 -12.01 0.91 -25.66
CA SER D 108 -12.58 1.04 -26.99
C SER D 108 -11.82 2.10 -27.76
N PRO D 109 -10.71 1.76 -28.40
CA PRO D 109 -9.92 2.76 -29.10
C PRO D 109 -10.58 3.19 -30.39
N PHE D 110 -10.15 4.36 -30.87
CA PHE D 110 -10.65 5.01 -32.08
C PHE D 110 -12.13 5.30 -32.05
N ASP D 111 -12.69 5.63 -30.89
CA ASP D 111 -14.15 5.67 -30.80
C ASP D 111 -14.76 6.97 -31.31
N PHE D 112 -14.13 8.12 -31.10
CA PHE D 112 -14.71 9.37 -31.56
C PHE D 112 -13.78 10.06 -32.55
N TRP D 113 -14.31 10.39 -33.71
CA TRP D 113 -13.56 11.03 -34.77
C TRP D 113 -13.99 12.48 -34.88
N GLY D 114 -13.07 13.33 -35.30
CA GLY D 114 -13.38 14.75 -35.39
C GLY D 114 -14.20 15.11 -36.61
N GLN D 115 -14.07 16.33 -37.09
CA GLN D 115 -14.83 16.75 -38.25
C GLN D 115 -13.97 17.11 -39.45
N GLY D 116 -12.67 17.35 -39.27
CA GLY D 116 -11.76 17.40 -40.39
C GLY D 116 -11.61 18.72 -41.10
N THR D 117 -10.37 19.09 -41.41
CA THR D 117 -10.08 20.33 -42.13
C THR D 117 -9.66 19.99 -43.54
N THR D 118 -10.10 20.79 -44.51
CA THR D 118 -9.72 20.59 -45.90
C THR D 118 -8.45 21.36 -46.18
N LEU D 119 -7.34 20.64 -46.35
CA LEU D 119 -6.09 21.26 -46.75
C LEU D 119 -5.90 21.09 -48.25
N THR D 120 -5.89 22.20 -48.97
CA THR D 120 -5.67 22.17 -50.41
C THR D 120 -4.26 22.67 -50.71
N VAL D 121 -3.55 21.91 -51.54
CA VAL D 121 -2.19 22.25 -51.94
C VAL D 121 -2.14 22.30 -53.45
N SER D 122 -1.79 23.47 -53.98
CA SER D 122 -1.69 23.63 -55.43
C SER D 122 -0.23 23.54 -55.88
N GLY D 137 6.80 -2.55 -47.80
CA GLY D 137 7.80 -2.02 -46.91
C GLY D 137 7.70 -2.58 -45.49
N SER D 138 7.40 -3.89 -45.42
CA SER D 138 7.23 -4.64 -44.18
C SER D 138 6.13 -4.05 -43.29
N ASP D 139 5.09 -3.52 -43.92
CA ASP D 139 3.86 -3.18 -43.24
C ASP D 139 2.74 -4.07 -43.78
N ILE D 140 1.60 -4.03 -43.12
CA ILE D 140 0.56 -5.02 -43.32
C ILE D 140 -0.40 -4.48 -44.36
N VAL D 141 -0.49 -5.16 -45.50
CA VAL D 141 -1.35 -4.72 -46.59
C VAL D 141 -2.73 -5.34 -46.42
N MET D 142 -3.66 -4.57 -45.84
CA MET D 142 -5.02 -5.05 -45.66
C MET D 142 -5.76 -4.89 -46.97
N THR D 143 -5.89 -5.96 -47.74
CA THR D 143 -6.57 -5.90 -49.02
C THR D 143 -8.05 -6.19 -48.83
N GLN D 144 -8.89 -5.50 -49.59
CA GLN D 144 -10.34 -5.60 -49.49
C GLN D 144 -10.87 -5.77 -50.90
N ALA D 145 -11.00 -7.03 -51.33
CA ALA D 145 -11.11 -7.35 -52.75
C ALA D 145 -12.43 -6.92 -53.38
N THR D 146 -13.47 -6.72 -52.58
CA THR D 146 -14.70 -6.16 -53.10
C THR D 146 -14.64 -4.64 -53.00
N SER D 147 -15.31 -3.96 -53.93
CA SER D 147 -15.28 -2.51 -53.95
C SER D 147 -16.65 -1.85 -54.03
N SER D 148 -17.67 -2.53 -54.54
CA SER D 148 -19.01 -1.94 -54.62
C SER D 148 -20.04 -3.05 -54.71
N VAL D 149 -20.95 -3.12 -53.74
CA VAL D 149 -22.01 -4.13 -53.77
C VAL D 149 -23.38 -3.46 -53.81
N PRO D 150 -24.19 -3.72 -54.84
CA PRO D 150 -25.54 -3.17 -54.87
C PRO D 150 -26.44 -3.91 -53.89
N VAL D 151 -27.01 -3.18 -52.94
CA VAL D 151 -27.78 -3.77 -51.86
C VAL D 151 -29.21 -3.24 -51.89
N THR D 152 -30.14 -4.04 -51.37
CA THR D 152 -31.54 -3.72 -51.15
C THR D 152 -31.80 -3.57 -49.65
N PRO D 153 -32.77 -2.75 -49.25
CA PRO D 153 -33.08 -2.64 -47.81
C PRO D 153 -33.73 -3.91 -47.28
N GLY D 154 -33.20 -4.40 -46.17
CA GLY D 154 -33.73 -5.60 -45.56
C GLY D 154 -33.13 -6.89 -46.11
N GLU D 155 -31.79 -6.98 -46.08
CA GLU D 155 -31.09 -8.15 -46.58
C GLU D 155 -29.75 -8.26 -45.87
N SER D 156 -29.29 -9.49 -45.68
CA SER D 156 -28.00 -9.72 -45.04
C SER D 156 -26.87 -9.48 -46.04
N VAL D 157 -25.90 -8.66 -45.65
CA VAL D 157 -24.72 -8.37 -46.47
C VAL D 157 -23.50 -8.79 -45.69
N SER D 158 -22.49 -9.30 -46.38
CA SER D 158 -21.21 -9.64 -45.78
C SER D 158 -20.07 -8.97 -46.55
N ILE D 159 -19.11 -8.43 -45.80
CA ILE D 159 -17.99 -7.66 -46.34
C ILE D 159 -16.70 -8.30 -45.83
N SER D 160 -15.79 -8.62 -46.75
CA SER D 160 -14.60 -9.40 -46.44
C SER D 160 -13.35 -8.53 -46.50
N CYS D 161 -12.43 -8.79 -45.59
CA CYS D 161 -11.22 -7.99 -45.46
C CYS D 161 -10.08 -8.91 -45.12
N ARG D 162 -9.22 -9.22 -46.09
CA ARG D 162 -8.15 -10.18 -45.89
C ARG D 162 -6.87 -9.47 -45.50
N SER D 163 -6.22 -9.94 -44.45
CA SER D 163 -4.93 -9.39 -44.11
C SER D 163 -3.84 -10.18 -44.82
N SER D 164 -2.59 -9.73 -44.68
CA SER D 164 -1.47 -10.48 -45.24
C SER D 164 -0.67 -11.13 -44.11
N LYS D 165 -0.31 -10.35 -43.11
CA LYS D 165 0.19 -10.91 -41.87
C LYS D 165 -0.97 -11.35 -41.00
N SER D 166 -0.73 -12.34 -40.16
CA SER D 166 -1.76 -12.85 -39.26
C SER D 166 -1.91 -11.90 -38.09
N LEU D 167 -3.15 -11.49 -37.82
CA LEU D 167 -3.40 -10.48 -36.81
C LEU D 167 -3.70 -11.06 -35.44
N LEU D 168 -3.71 -12.37 -35.30
CA LEU D 168 -4.03 -13.00 -34.01
C LEU D 168 -2.78 -13.00 -33.15
N HIS D 169 -2.74 -12.14 -32.14
CA HIS D 169 -1.61 -12.09 -31.24
C HIS D 169 -1.65 -13.29 -30.30
N SER D 170 -0.56 -13.48 -29.55
CA SER D 170 -0.41 -14.65 -28.69
C SER D 170 -1.30 -14.58 -27.47
N ASN D 171 -1.74 -13.39 -27.06
CA ASN D 171 -2.62 -13.29 -25.90
C ASN D 171 -4.10 -13.37 -26.27
N GLY D 172 -4.42 -13.82 -27.48
CA GLY D 172 -5.77 -14.15 -27.85
C GLY D 172 -6.52 -13.04 -28.56
N ASN D 173 -6.08 -11.80 -28.43
CA ASN D 173 -6.78 -10.68 -29.04
C ASN D 173 -6.49 -10.65 -30.54
N THR D 174 -7.52 -10.36 -31.33
CA THR D 174 -7.39 -10.23 -32.77
C THR D 174 -7.59 -8.77 -33.15
N TYR D 175 -6.51 -8.00 -33.20
CA TYR D 175 -6.62 -6.56 -33.32
C TYR D 175 -7.04 -6.11 -34.70
N LEU D 176 -8.32 -6.17 -35.02
CA LEU D 176 -8.82 -5.68 -36.29
C LEU D 176 -10.09 -4.89 -36.03
N TYR D 177 -10.19 -3.69 -36.60
CA TYR D 177 -11.25 -2.75 -36.30
C TYR D 177 -12.03 -2.50 -37.59
N TRP D 178 -13.34 -2.29 -37.45
CA TRP D 178 -14.20 -2.03 -38.60
C TRP D 178 -14.87 -0.68 -38.40
N PHE D 179 -14.71 0.22 -39.38
CA PHE D 179 -15.25 1.57 -39.36
C PHE D 179 -16.27 1.75 -40.46
N LEU D 180 -17.16 2.72 -40.27
CA LEU D 180 -18.18 3.09 -41.25
C LEU D 180 -18.13 4.59 -41.49
N GLN D 181 -18.07 5.00 -42.75
CA GLN D 181 -18.15 6.41 -43.10
C GLN D 181 -19.34 6.61 -44.03
N ARG D 182 -20.30 7.38 -43.57
CA ARG D 182 -21.47 7.71 -44.35
C ARG D 182 -21.12 8.78 -45.37
N PRO D 183 -21.93 8.97 -46.41
CA PRO D 183 -21.63 10.06 -47.36
C PRO D 183 -21.84 11.43 -46.74
N GLY D 184 -20.77 12.17 -46.54
CA GLY D 184 -20.85 13.51 -46.01
C GLY D 184 -20.65 13.63 -44.52
N GLN D 185 -20.15 12.60 -43.85
CA GLN D 185 -19.95 12.67 -42.42
C GLN D 185 -18.56 12.18 -42.07
N SER D 186 -18.30 12.00 -40.81
CA SER D 186 -17.02 11.49 -40.35
C SER D 186 -17.13 10.02 -39.98
N PRO D 187 -16.03 9.27 -40.08
CA PRO D 187 -16.10 7.84 -39.77
C PRO D 187 -16.41 7.55 -38.31
N GLN D 188 -16.96 6.36 -38.09
CA GLN D 188 -17.54 5.94 -36.83
C GLN D 188 -17.12 4.52 -36.56
N LEU D 189 -16.71 4.23 -35.32
CA LEU D 189 -16.25 2.89 -34.98
C LEU D 189 -17.42 1.93 -34.89
N LEU D 190 -17.43 0.93 -35.76
CA LEU D 190 -18.47 -0.10 -35.69
C LEU D 190 -18.06 -1.22 -34.76
N ILE D 191 -16.92 -1.87 -35.04
CA ILE D 191 -16.50 -3.07 -34.32
C ILE D 191 -15.04 -2.94 -33.91
N TYR D 192 -14.74 -3.23 -32.65
CA TYR D 192 -13.36 -3.20 -32.21
C TYR D 192 -12.93 -4.61 -31.82
N ARG D 193 -11.73 -5.00 -32.27
CA ARG D 193 -11.11 -6.31 -32.07
C ARG D 193 -11.95 -7.46 -32.61
N MET D 194 -12.51 -7.27 -33.82
CA MET D 194 -13.09 -8.27 -34.70
C MET D 194 -14.43 -8.85 -34.24
N SER D 195 -14.77 -8.68 -32.99
CA SER D 195 -16.07 -9.22 -32.56
C SER D 195 -16.85 -8.26 -31.68
N ASN D 196 -16.18 -7.50 -30.83
CA ASN D 196 -16.85 -6.64 -29.86
C ASN D 196 -17.51 -5.46 -30.55
N LEU D 197 -18.79 -5.26 -30.31
CA LEU D 197 -19.47 -4.10 -30.87
C LEU D 197 -19.10 -2.84 -30.09
N ALA D 198 -19.11 -1.72 -30.78
CA ALA D 198 -18.84 -0.44 -30.12
C ALA D 198 -20.09 0.05 -29.41
N SER D 199 -19.89 0.89 -28.41
CA SER D 199 -20.99 1.35 -27.57
C SER D 199 -21.81 2.38 -28.31
N GLY D 200 -23.04 2.02 -28.67
CA GLY D 200 -23.93 2.89 -29.41
C GLY D 200 -24.32 2.36 -30.77
N VAL D 201 -23.89 1.15 -31.12
CA VAL D 201 -24.14 0.54 -32.42
C VAL D 201 -25.33 -0.41 -32.30
N PRO D 202 -26.24 -0.46 -33.29
CA PRO D 202 -27.30 -1.46 -33.28
C PRO D 202 -26.79 -2.89 -33.29
N ASP D 203 -27.57 -3.83 -32.79
CA ASP D 203 -27.10 -5.20 -32.59
C ASP D 203 -27.11 -6.05 -33.84
N ARG D 204 -27.34 -5.46 -35.01
CA ARG D 204 -27.36 -6.22 -36.25
C ARG D 204 -26.02 -6.28 -36.95
N PHE D 205 -25.06 -5.44 -36.55
CA PHE D 205 -23.70 -5.51 -37.05
C PHE D 205 -22.95 -6.57 -36.27
N SER D 206 -22.29 -7.50 -36.96
CA SER D 206 -21.48 -8.47 -36.23
C SER D 206 -20.28 -8.91 -37.04
N GLY D 207 -19.18 -9.18 -36.36
CA GLY D 207 -17.91 -9.50 -37.00
C GLY D 207 -17.43 -10.91 -36.64
N SER D 208 -16.82 -11.57 -37.61
CA SER D 208 -16.38 -12.95 -37.47
C SER D 208 -15.07 -13.14 -38.21
N GLY D 209 -14.45 -14.30 -38.00
CA GLY D 209 -13.27 -14.65 -38.76
C GLY D 209 -12.11 -15.03 -37.88
N SER D 210 -10.98 -15.38 -38.50
CA SER D 210 -9.79 -15.77 -37.74
C SER D 210 -8.54 -15.44 -38.53
N GLY D 211 -7.55 -14.88 -37.84
CA GLY D 211 -6.17 -14.91 -38.27
C GLY D 211 -5.81 -14.03 -39.45
N THR D 212 -6.27 -14.43 -40.64
CA THR D 212 -6.08 -13.63 -41.85
C THR D 212 -7.35 -13.51 -42.69
N ALA D 213 -8.49 -14.02 -42.25
CA ALA D 213 -9.73 -13.80 -42.96
C ALA D 213 -10.79 -13.31 -42.01
N PHE D 214 -11.39 -12.17 -42.33
CA PHE D 214 -12.34 -11.52 -41.46
C PHE D 214 -13.59 -11.20 -42.27
N THR D 215 -14.70 -11.01 -41.57
CA THR D 215 -15.95 -10.72 -42.27
C THR D 215 -16.88 -9.94 -41.36
N LEU D 216 -17.59 -9.00 -41.96
CA LEU D 216 -18.65 -8.23 -41.30
C LEU D 216 -19.96 -8.68 -41.90
N THR D 217 -20.96 -8.88 -41.07
CA THR D 217 -22.28 -9.25 -41.57
C THR D 217 -23.33 -8.35 -40.94
N ILE D 218 -24.24 -7.89 -41.80
CA ILE D 218 -25.30 -6.96 -41.46
C ILE D 218 -26.61 -7.65 -41.83
N SER D 219 -27.50 -7.80 -40.85
CA SER D 219 -28.82 -8.33 -41.09
C SER D 219 -29.84 -7.21 -40.99
N ARG D 220 -30.86 -7.26 -41.85
CA ARG D 220 -31.93 -6.25 -41.96
C ARG D 220 -31.34 -4.87 -42.21
N LEU D 221 -30.72 -4.72 -43.37
CA LEU D 221 -29.97 -3.51 -43.69
C LEU D 221 -30.93 -2.35 -43.94
N GLU D 222 -30.76 -1.27 -43.18
CA GLU D 222 -31.62 -0.12 -43.30
C GLU D 222 -31.07 0.84 -44.34
N ALA D 223 -31.80 1.95 -44.56
CA ALA D 223 -31.36 2.94 -45.52
C ALA D 223 -30.24 3.82 -44.97
N GLU D 224 -30.02 3.80 -43.66
CA GLU D 224 -28.97 4.60 -43.04
C GLU D 224 -27.67 3.82 -42.85
N ASP D 225 -27.48 2.72 -43.57
CA ASP D 225 -26.26 1.94 -43.52
C ASP D 225 -25.48 1.96 -44.83
N VAL D 226 -25.90 2.77 -45.79
CA VAL D 226 -25.10 2.95 -47.00
C VAL D 226 -23.89 3.80 -46.66
N GLY D 227 -22.82 3.61 -47.42
CA GLY D 227 -21.57 4.28 -47.12
C GLY D 227 -20.41 3.42 -47.52
N VAL D 228 -19.26 3.70 -46.94
CA VAL D 228 -18.06 2.91 -47.18
C VAL D 228 -17.59 2.32 -45.88
N TYR D 229 -17.14 1.06 -45.93
CA TYR D 229 -16.73 0.31 -44.74
C TYR D 229 -15.23 0.04 -44.81
N TYR D 230 -14.51 0.47 -43.80
CA TYR D 230 -13.06 0.35 -43.76
C TYR D 230 -12.67 -0.66 -42.70
N CYS D 231 -11.58 -1.38 -42.94
CA CYS D 231 -11.01 -2.26 -41.93
C CYS D 231 -9.60 -1.82 -41.60
N MET D 232 -9.36 -1.51 -40.35
CA MET D 232 -8.06 -1.08 -39.88
C MET D 232 -7.44 -2.24 -39.11
N GLN D 233 -6.13 -2.33 -39.12
CA GLN D 233 -5.43 -3.23 -38.22
C GLN D 233 -4.91 -2.41 -37.05
N HIS D 234 -4.50 -3.07 -35.98
CA HIS D 234 -3.87 -2.35 -34.89
C HIS D 234 -2.81 -3.19 -34.20
N LEU D 235 -2.26 -4.16 -34.91
CA LEU D 235 -1.26 -5.04 -34.32
C LEU D 235 0.04 -4.30 -34.10
N GLU D 236 0.51 -3.54 -35.08
CA GLU D 236 1.73 -2.76 -34.94
C GLU D 236 1.66 -1.58 -35.89
N TYR D 237 2.27 -0.48 -35.47
CA TYR D 237 2.31 0.76 -36.23
C TYR D 237 3.26 0.60 -37.42
N PRO D 238 2.96 1.22 -38.57
CA PRO D 238 1.84 2.07 -38.93
C PRO D 238 0.55 1.34 -39.19
N LEU D 239 -0.50 1.84 -38.55
CA LEU D 239 -1.83 1.27 -38.70
C LEU D 239 -2.31 1.52 -40.11
N THR D 240 -2.44 0.45 -40.89
CA THR D 240 -2.77 0.56 -42.29
C THR D 240 -4.23 0.21 -42.52
N PHE D 241 -4.95 1.09 -43.19
CA PHE D 241 -6.37 0.91 -43.44
C PHE D 241 -6.56 0.11 -44.71
N GLY D 242 -7.82 -0.19 -45.01
CA GLY D 242 -8.19 -0.86 -46.24
C GLY D 242 -8.72 0.15 -47.24
N ALA D 243 -9.01 -0.34 -48.43
CA ALA D 243 -9.45 0.54 -49.51
C ALA D 243 -10.93 0.89 -49.44
N GLY D 244 -11.70 0.23 -48.59
CA GLY D 244 -13.08 0.59 -48.41
C GLY D 244 -14.03 0.05 -49.44
N THR D 245 -15.15 -0.53 -49.00
CA THR D 245 -16.15 -1.12 -49.87
C THR D 245 -17.41 -0.28 -49.82
N LYS D 246 -17.86 0.22 -50.96
CA LYS D 246 -19.03 1.08 -51.02
C LYS D 246 -20.29 0.25 -51.06
N LEU D 247 -21.35 0.72 -50.41
CA LEU D 247 -22.64 0.04 -50.40
C LEU D 247 -23.64 0.95 -51.09
N GLU D 248 -23.71 0.84 -52.41
CA GLU D 248 -24.67 1.60 -53.20
C GLU D 248 -26.02 0.89 -53.15
N LEU D 249 -27.08 1.67 -52.97
CA LEU D 249 -28.42 1.09 -52.91
C LEU D 249 -28.96 0.88 -54.32
N HIS E 55 64.04 -10.45 11.48
CA HIS E 55 64.06 -10.99 12.84
C HIS E 55 63.09 -10.23 13.73
N PRO E 56 62.02 -10.90 14.17
CA PRO E 56 60.99 -10.23 14.97
C PRO E 56 61.50 -9.90 16.37
N LYS E 57 61.02 -8.76 16.90
CA LYS E 57 61.42 -8.28 18.21
C LYS E 57 60.44 -8.76 19.28
N GLU E 58 60.58 -8.20 20.49
CA GLU E 58 59.69 -8.55 21.59
C GLU E 58 58.38 -7.76 21.50
N TYR E 59 58.42 -6.61 20.82
CA TYR E 59 57.24 -5.77 20.61
C TYR E 59 56.13 -6.49 19.85
N GLU E 60 56.52 -7.38 18.94
CA GLU E 60 55.57 -8.12 18.12
C GLU E 60 55.17 -9.46 18.75
N TRP E 61 55.43 -9.66 20.03
CA TRP E 61 54.99 -10.88 20.69
C TRP E 61 53.48 -10.87 20.89
N VAL E 62 52.92 -9.71 21.20
CA VAL E 62 51.48 -9.57 21.36
C VAL E 62 50.80 -8.95 20.15
N LEU E 63 51.56 -8.39 19.21
CA LEU E 63 51.00 -7.68 18.06
C LEU E 63 50.22 -8.61 17.14
N ILE E 64 50.78 -9.79 16.84
CA ILE E 64 50.12 -10.72 15.93
C ILE E 64 48.88 -11.32 16.58
N ALA E 65 48.93 -11.55 17.90
CA ALA E 65 47.75 -12.03 18.61
C ALA E 65 46.64 -10.98 18.63
N GLY E 66 47.02 -9.72 18.88
CA GLY E 66 46.06 -8.63 18.81
C GLY E 66 45.51 -8.40 17.43
N TYR E 67 46.30 -8.72 16.40
CA TYR E 67 45.81 -8.62 15.04
C TYR E 67 44.80 -9.72 14.73
N ILE E 68 45.08 -10.96 15.14
CA ILE E 68 44.20 -12.03 14.74
C ILE E 68 42.90 -12.02 15.54
N ILE E 69 42.91 -11.48 16.78
CA ILE E 69 41.65 -11.43 17.52
C ILE E 69 40.71 -10.39 16.91
N VAL E 70 41.24 -9.24 16.50
CA VAL E 70 40.36 -8.23 15.91
C VAL E 70 39.96 -8.65 14.50
N PHE E 71 40.80 -9.46 13.83
CA PHE E 71 40.45 -10.06 12.55
C PHE E 71 39.21 -10.94 12.67
N VAL E 72 39.27 -11.91 13.60
CA VAL E 72 38.15 -12.85 13.70
C VAL E 72 36.91 -12.19 14.30
N VAL E 73 37.08 -11.21 15.21
CA VAL E 73 35.93 -10.52 15.79
C VAL E 73 35.22 -9.68 14.74
N ALA E 74 35.99 -8.92 13.95
CA ALA E 74 35.38 -8.07 12.93
C ALA E 74 34.69 -8.89 11.86
N LEU E 75 35.35 -9.98 11.41
CA LEU E 75 34.75 -10.82 10.37
C LEU E 75 33.47 -11.48 10.84
N ILE E 76 33.49 -12.07 12.04
CA ILE E 76 32.31 -12.77 12.56
C ILE E 76 31.16 -11.79 12.79
N GLY E 77 31.44 -10.66 13.44
CA GLY E 77 30.40 -9.71 13.76
C GLY E 77 29.75 -9.10 12.52
N ASN E 78 30.57 -8.74 11.53
CA ASN E 78 30.01 -8.12 10.34
C ASN E 78 29.24 -9.11 9.48
N VAL E 79 29.71 -10.37 9.36
CA VAL E 79 28.96 -11.28 8.51
C VAL E 79 27.66 -11.70 9.19
N LEU E 80 27.64 -11.76 10.54
CA LEU E 80 26.36 -12.06 11.19
C LEU E 80 25.39 -10.89 11.08
N VAL E 81 25.88 -9.65 11.07
CA VAL E 81 24.96 -8.52 10.87
C VAL E 81 24.38 -8.53 9.47
N CYS E 82 25.21 -8.79 8.46
CA CYS E 82 24.68 -8.82 7.08
C CYS E 82 23.74 -10.00 6.84
N VAL E 83 24.05 -11.18 7.39
CA VAL E 83 23.12 -12.28 7.20
C VAL E 83 21.89 -12.17 8.10
N ALA E 84 21.96 -11.39 9.18
CA ALA E 84 20.77 -11.15 9.98
C ALA E 84 19.83 -10.21 9.24
N VAL E 85 20.37 -9.22 8.55
CA VAL E 85 19.51 -8.36 7.74
C VAL E 85 18.97 -9.11 6.53
N TRP E 86 19.79 -9.99 5.94
CA TRP E 86 19.37 -10.71 4.74
C TRP E 86 18.34 -11.77 5.04
N LYS E 87 18.46 -12.46 6.17
CA LYS E 87 17.55 -13.54 6.50
C LYS E 87 16.22 -13.01 7.01
N ASN E 88 16.24 -12.11 7.97
CA ASN E 88 15.03 -11.53 8.51
C ASN E 88 14.42 -10.56 7.51
N HIS E 89 13.13 -10.25 7.70
CA HIS E 89 12.43 -9.33 6.82
C HIS E 89 11.84 -8.14 7.54
N HIS E 90 11.86 -8.11 8.87
CA HIS E 90 11.42 -6.92 9.60
C HIS E 90 12.53 -5.92 9.78
N MET E 91 13.78 -6.30 9.51
CA MET E 91 14.92 -5.42 9.71
C MET E 91 15.37 -4.74 8.43
N ARG E 92 14.61 -4.84 7.34
CA ARG E 92 14.93 -4.14 6.11
C ARG E 92 14.23 -2.79 6.09
N THR E 93 14.60 -1.97 7.06
CA THR E 93 14.01 -0.65 7.22
C THR E 93 14.82 0.34 6.39
N VAL E 94 14.55 1.64 6.54
CA VAL E 94 15.36 2.66 5.90
C VAL E 94 16.60 2.98 6.72
N THR E 95 16.67 2.47 7.94
CA THR E 95 17.82 2.69 8.80
C THR E 95 18.94 1.71 8.53
N ASN E 96 18.60 0.48 8.16
CA ASN E 96 19.58 -0.57 8.03
C ASN E 96 20.20 -0.64 6.65
N TYR E 97 20.00 0.37 5.81
CA TYR E 97 20.78 0.44 4.58
C TYR E 97 22.19 0.93 4.86
N PHE E 98 22.33 1.99 5.65
CA PHE E 98 23.64 2.50 6.02
C PHE E 98 24.40 1.52 6.89
N ILE E 99 23.71 0.73 7.69
CA ILE E 99 24.38 -0.22 8.56
C ILE E 99 24.96 -1.38 7.76
N VAL E 100 24.23 -1.89 6.77
CA VAL E 100 24.80 -2.97 5.98
C VAL E 100 25.85 -2.45 5.01
N ASN E 101 25.75 -1.20 4.56
CA ASN E 101 26.83 -0.63 3.77
C ASN E 101 28.09 -0.45 4.60
N LEU E 102 27.93 -0.04 5.86
CA LEU E 102 29.07 0.07 6.77
C LEU E 102 29.68 -1.28 7.07
N SER E 103 28.87 -2.33 7.13
CA SER E 103 29.42 -3.66 7.41
C SER E 103 30.14 -4.26 6.21
N LEU E 104 29.67 -3.97 4.98
CA LEU E 104 30.44 -4.37 3.81
C LEU E 104 31.75 -3.59 3.71
N ALA E 105 31.74 -2.30 4.06
CA ALA E 105 32.98 -1.54 4.13
C ALA E 105 33.92 -2.09 5.20
N ASP E 106 33.36 -2.61 6.28
CA ASP E 106 34.21 -3.12 7.35
C ASP E 106 34.85 -4.46 6.99
N VAL E 107 34.13 -5.36 6.30
CA VAL E 107 34.80 -6.59 5.87
C VAL E 107 35.82 -6.30 4.78
N LEU E 108 35.55 -5.30 3.92
CA LEU E 108 36.55 -4.92 2.93
C LEU E 108 37.80 -4.32 3.58
N VAL E 109 37.63 -3.56 4.66
CA VAL E 109 38.79 -3.07 5.41
C VAL E 109 39.54 -4.22 6.06
N THR E 110 38.84 -5.15 6.67
CA THR E 110 39.57 -6.16 7.43
C THR E 110 40.16 -7.28 6.58
N ILE E 111 39.74 -7.48 5.34
CA ILE E 111 40.37 -8.49 4.49
C ILE E 111 41.30 -7.88 3.45
N THR E 112 41.11 -6.61 3.07
CA THR E 112 42.02 -6.05 2.09
C THR E 112 43.17 -5.26 2.71
N CYS E 113 42.99 -4.75 3.92
CA CYS E 113 44.02 -3.90 4.52
C CYS E 113 44.85 -4.62 5.56
N LEU E 114 44.27 -5.60 6.27
CA LEU E 114 44.93 -6.09 7.48
C LEU E 114 46.15 -6.99 7.20
N PRO E 115 46.06 -8.11 6.45
CA PRO E 115 47.24 -8.99 6.38
C PRO E 115 48.38 -8.42 5.55
N ALA E 116 48.07 -7.61 4.53
CA ALA E 116 49.11 -6.98 3.72
C ALA E 116 49.95 -6.02 4.54
N THR E 117 49.29 -5.12 5.27
CA THR E 117 50.06 -4.20 6.11
C THR E 117 50.62 -4.90 7.33
N LEU E 118 50.10 -6.07 7.70
CA LEU E 118 50.73 -6.82 8.79
C LEU E 118 52.05 -7.41 8.33
N VAL E 119 52.09 -8.00 7.13
CA VAL E 119 53.34 -8.59 6.66
C VAL E 119 54.35 -7.50 6.31
N VAL E 120 53.88 -6.32 5.92
CA VAL E 120 54.81 -5.21 5.71
C VAL E 120 55.31 -4.67 7.05
N ASP E 121 54.44 -4.57 8.04
CA ASP E 121 54.82 -4.03 9.34
C ASP E 121 55.57 -5.03 10.21
N ILE E 122 55.68 -6.29 9.79
CA ILE E 122 56.55 -7.23 10.49
C ILE E 122 57.85 -7.46 9.72
N THR E 123 57.79 -7.63 8.39
CA THR E 123 58.97 -8.06 7.66
C THR E 123 59.71 -6.95 6.94
N GLU E 124 59.07 -5.79 6.75
CA GLU E 124 59.46 -4.71 5.81
C GLU E 124 60.02 -5.25 4.50
N THR E 125 59.26 -6.15 3.89
CA THR E 125 59.65 -6.78 2.64
C THR E 125 58.39 -6.99 1.81
N TRP E 126 58.42 -6.53 0.56
CA TRP E 126 57.23 -6.54 -0.29
C TRP E 126 57.37 -7.70 -1.28
N PHE E 127 56.49 -8.70 -1.14
CA PHE E 127 56.53 -9.91 -1.95
C PHE E 127 55.68 -9.82 -3.21
N PHE E 128 54.73 -8.90 -3.27
CA PHE E 128 53.59 -9.05 -4.15
C PHE E 128 53.82 -8.50 -5.56
N GLY E 129 54.94 -7.85 -5.83
CA GLY E 129 55.22 -7.37 -7.18
C GLY E 129 54.46 -6.11 -7.57
N GLN E 130 54.65 -5.65 -8.80
CA GLN E 130 54.13 -4.35 -9.19
C GLN E 130 52.62 -4.35 -9.46
N SER E 131 52.04 -5.46 -9.89
CA SER E 131 50.60 -5.49 -10.16
C SER E 131 49.78 -5.34 -8.88
N LEU E 132 50.08 -6.16 -7.87
CA LEU E 132 49.44 -5.98 -6.57
C LEU E 132 49.91 -4.71 -5.88
N CYS E 133 51.13 -4.25 -6.16
CA CYS E 133 51.61 -2.99 -5.60
C CYS E 133 50.85 -1.80 -6.19
N LYS E 134 50.26 -1.98 -7.37
CA LYS E 134 49.36 -0.98 -7.92
C LYS E 134 47.93 -1.13 -7.40
N VAL E 135 47.46 -2.35 -7.21
CA VAL E 135 46.01 -2.54 -7.03
C VAL E 135 45.61 -2.55 -5.55
N ILE E 136 46.52 -2.93 -4.64
CA ILE E 136 46.16 -3.11 -3.23
C ILE E 136 45.96 -1.80 -2.46
N PRO E 137 46.88 -0.80 -2.50
CA PRO E 137 46.61 0.42 -1.71
C PRO E 137 45.40 1.20 -2.17
N TYR E 138 45.00 1.05 -3.44
CA TYR E 138 43.75 1.65 -3.90
C TYR E 138 42.55 1.05 -3.18
N LEU E 139 42.50 -0.28 -3.07
CA LEU E 139 41.42 -0.94 -2.35
C LEU E 139 41.42 -0.59 -0.88
N GLN E 140 42.62 -0.45 -0.29
CA GLN E 140 42.72 -0.09 1.13
C GLN E 140 42.15 1.30 1.40
N THR E 141 42.61 2.30 0.64
CA THR E 141 42.13 3.65 0.88
C THR E 141 40.66 3.81 0.50
N VAL E 142 40.18 3.06 -0.51
CA VAL E 142 38.77 3.10 -0.87
C VAL E 142 37.90 2.57 0.26
N SER E 143 38.28 1.43 0.86
CA SER E 143 37.43 0.86 1.90
C SER E 143 37.46 1.69 3.18
N VAL E 144 38.62 2.25 3.54
CA VAL E 144 38.69 3.13 4.71
C VAL E 144 37.84 4.39 4.51
N SER E 145 37.94 5.01 3.32
CA SER E 145 37.16 6.21 3.11
C SER E 145 35.67 5.94 2.99
N VAL E 146 35.27 4.76 2.49
CA VAL E 146 33.86 4.42 2.45
C VAL E 146 33.29 4.25 3.86
N SER E 147 34.02 3.56 4.75
CA SER E 147 33.50 3.37 6.10
C SER E 147 33.42 4.69 6.86
N VAL E 148 34.39 5.58 6.65
CA VAL E 148 34.35 6.87 7.33
C VAL E 148 33.19 7.73 6.81
N LEU E 149 32.99 7.77 5.49
CA LEU E 149 31.92 8.61 4.96
C LEU E 149 30.54 8.05 5.27
N THR E 150 30.41 6.73 5.43
CA THR E 150 29.10 6.23 5.82
C THR E 150 28.85 6.38 7.31
N LEU E 151 29.89 6.51 8.14
CA LEU E 151 29.68 6.98 9.51
C LEU E 151 29.16 8.41 9.52
N SER E 152 29.67 9.24 8.60
CA SER E 152 29.16 10.61 8.49
C SER E 152 27.70 10.65 8.06
N CYS E 153 27.30 9.79 7.11
CA CYS E 153 25.91 9.79 6.69
C CYS E 153 24.98 9.23 7.75
N ILE E 154 25.45 8.27 8.56
CA ILE E 154 24.66 7.83 9.72
C ILE E 154 24.43 8.97 10.71
N ALA E 155 25.47 9.76 10.99
CA ALA E 155 25.32 10.86 11.93
C ALA E 155 24.40 11.95 11.39
N LEU E 156 24.47 12.23 10.09
CA LEU E 156 23.57 13.22 9.50
C LEU E 156 22.13 12.74 9.49
N ASP E 157 21.91 11.44 9.25
CA ASP E 157 20.55 10.91 9.27
C ASP E 157 19.96 10.90 10.66
N ARG E 158 20.75 10.59 11.68
CA ARG E 158 20.26 10.66 13.05
C ARG E 158 19.98 12.10 13.47
N TRP E 159 20.77 13.06 12.98
CA TRP E 159 20.48 14.45 13.28
C TRP E 159 19.21 14.94 12.60
N TYR E 160 18.93 14.47 11.39
CA TYR E 160 17.64 14.77 10.78
C TYR E 160 16.49 14.13 11.53
N ALA E 161 16.67 12.95 12.08
CA ALA E 161 15.55 12.25 12.67
C ALA E 161 15.38 12.51 14.17
N ILE E 162 16.24 13.29 14.80
CA ILE E 162 16.08 13.64 16.21
C ILE E 162 15.91 15.15 16.39
N CYS E 163 16.81 15.95 15.86
CA CYS E 163 16.66 17.38 16.03
C CYS E 163 15.70 18.03 15.05
N HIS E 164 15.18 17.31 14.06
CA HIS E 164 14.19 17.87 13.12
C HIS E 164 13.16 16.80 12.77
N PRO E 165 12.34 16.38 13.74
CA PRO E 165 11.52 15.19 13.51
C PRO E 165 10.32 15.40 12.63
N LEU E 166 9.89 16.65 12.42
CA LEU E 166 8.67 16.93 11.67
C LEU E 166 8.91 17.45 10.26
N MET E 167 10.14 17.39 9.77
CA MET E 167 10.39 17.48 8.34
C MET E 167 10.84 16.09 7.92
N PHE E 168 9.90 15.30 7.42
CA PHE E 168 10.07 13.86 7.26
C PHE E 168 11.06 13.62 6.13
N LYS E 169 12.33 13.70 6.47
CA LYS E 169 13.40 13.78 5.49
C LYS E 169 13.98 12.44 5.10
N SER E 170 14.06 11.50 6.03
CA SER E 170 14.75 10.23 5.78
C SER E 170 13.88 9.34 4.91
N THR E 171 14.17 9.31 3.62
CA THR E 171 13.47 8.53 2.62
C THR E 171 14.39 7.36 2.22
N ALA E 172 13.87 6.38 1.49
CA ALA E 172 14.71 5.31 0.98
C ALA E 172 15.45 5.71 -0.28
N LYS E 173 14.84 6.56 -1.09
CA LYS E 173 15.51 7.14 -2.24
C LYS E 173 16.72 7.97 -1.81
N ARG E 174 16.60 8.68 -0.68
CA ARG E 174 17.72 9.45 -0.17
C ARG E 174 18.85 8.54 0.31
N ALA E 175 18.51 7.40 0.92
CA ALA E 175 19.53 6.46 1.37
C ALA E 175 20.26 5.84 0.18
N ARG E 176 19.51 5.51 -0.88
CA ARG E 176 20.14 4.94 -2.08
C ARG E 176 21.03 5.95 -2.78
N ASN E 177 20.58 7.21 -2.88
CA ASN E 177 21.39 8.25 -3.48
C ASN E 177 22.65 8.51 -2.67
N SER E 178 22.56 8.48 -1.34
CA SER E 178 23.74 8.75 -0.53
C SER E 178 24.74 7.60 -0.58
N ILE E 179 24.27 6.35 -0.66
CA ILE E 179 25.19 5.22 -0.80
C ILE E 179 25.91 5.27 -2.15
N VAL E 180 25.19 5.63 -3.21
CA VAL E 180 25.81 5.74 -4.53
C VAL E 180 26.80 6.89 -4.57
N ILE E 181 26.48 8.02 -3.92
CA ILE E 181 27.41 9.16 -3.92
C ILE E 181 28.66 8.84 -3.12
N ILE E 182 28.51 8.10 -2.00
CA ILE E 182 29.67 7.70 -1.19
C ILE E 182 30.61 6.81 -2.01
N TRP E 183 30.05 5.78 -2.67
CA TRP E 183 30.90 4.86 -3.42
C TRP E 183 31.54 5.53 -4.63
N ILE E 184 30.82 6.41 -5.32
CA ILE E 184 31.35 7.08 -6.50
C ILE E 184 32.47 8.06 -6.11
N VAL E 185 32.23 8.91 -5.10
CA VAL E 185 33.23 9.88 -4.67
C VAL E 185 34.45 9.18 -4.11
N SER E 186 34.26 8.08 -3.38
CA SER E 186 35.39 7.36 -2.80
C SER E 186 36.21 6.63 -3.85
N CYS E 187 35.59 6.18 -4.95
CA CYS E 187 36.40 5.60 -6.00
C CYS E 187 37.11 6.65 -6.84
N ILE E 188 36.50 7.83 -7.00
CA ILE E 188 37.12 8.85 -7.84
C ILE E 188 38.25 9.57 -7.10
N ILE E 189 38.15 9.73 -5.78
CA ILE E 189 39.16 10.51 -5.06
C ILE E 189 40.49 9.76 -4.93
N MET E 190 40.47 8.43 -4.91
CA MET E 190 41.66 7.66 -4.57
C MET E 190 42.44 7.16 -5.78
N ILE E 191 42.18 7.69 -6.99
CA ILE E 191 42.96 7.25 -8.16
C ILE E 191 44.44 7.67 -8.16
N PRO E 192 44.89 8.78 -7.54
CA PRO E 192 46.35 8.96 -7.43
C PRO E 192 47.04 7.98 -6.51
N GLN E 193 46.33 7.17 -5.75
CA GLN E 193 46.92 6.02 -5.07
C GLN E 193 47.11 4.83 -5.99
N ALA E 194 46.73 4.95 -7.27
CA ALA E 194 46.84 3.86 -8.22
C ALA E 194 47.73 4.17 -9.41
N ILE E 195 48.03 5.44 -9.66
CA ILE E 195 48.90 5.79 -10.77
C ILE E 195 50.36 5.68 -10.36
N VAL E 196 50.71 6.24 -9.21
CA VAL E 196 52.08 6.56 -8.89
C VAL E 196 52.73 5.52 -7.98
N MET E 197 52.02 4.43 -7.67
CA MET E 197 52.61 3.40 -6.83
C MET E 197 53.62 2.56 -7.62
N GLU E 198 54.82 2.42 -7.06
CA GLU E 198 55.88 1.66 -7.72
C GLU E 198 56.52 0.74 -6.70
N CYS E 199 56.98 -0.42 -7.18
CA CYS E 199 57.71 -1.38 -6.35
C CYS E 199 59.20 -1.19 -6.63
N SER E 200 59.83 -0.38 -5.78
CA SER E 200 61.21 0.03 -5.99
C SER E 200 62.16 -0.73 -5.08
N THR E 201 63.24 -1.25 -5.65
CA THR E 201 64.33 -1.86 -4.91
C THR E 201 65.52 -0.92 -4.92
N VAL E 202 66.15 -0.74 -3.76
CA VAL E 202 67.32 0.12 -3.63
C VAL E 202 68.51 -0.77 -3.24
N PHE E 203 69.63 -0.56 -3.91
CA PHE E 203 70.82 -1.38 -3.68
C PHE E 203 72.09 -0.55 -3.78
N PHE E 213 64.91 -4.04 2.38
CA PHE E 213 64.56 -4.84 1.21
C PHE E 213 63.96 -3.96 0.11
N THR E 214 62.80 -4.38 -0.40
CA THR E 214 62.15 -3.73 -1.54
C THR E 214 60.86 -3.08 -1.04
N VAL E 215 60.56 -1.89 -1.54
CA VAL E 215 59.44 -1.11 -1.03
C VAL E 215 58.36 -1.01 -2.09
N CYS E 216 57.13 -0.77 -1.63
CA CYS E 216 55.97 -0.46 -2.45
C CYS E 216 55.50 0.93 -2.05
N ASP E 217 55.91 1.95 -2.78
CA ASP E 217 55.74 3.31 -2.30
C ASP E 217 55.43 4.26 -3.44
N GLU E 218 55.15 5.50 -3.09
CA GLU E 218 54.85 6.54 -4.07
C GLU E 218 56.12 7.11 -4.66
N ARG E 219 55.97 7.73 -5.82
CA ARG E 219 57.05 8.50 -6.45
C ARG E 219 56.39 9.49 -7.40
N TRP E 220 56.39 10.77 -7.03
CA TRP E 220 55.73 11.80 -7.80
C TRP E 220 56.73 12.62 -8.59
N GLY E 221 56.20 13.56 -9.37
CA GLY E 221 57.04 14.55 -10.02
C GLY E 221 56.97 15.90 -9.32
N GLY E 222 57.99 16.23 -8.54
CA GLY E 222 58.04 17.48 -7.82
C GLY E 222 57.51 17.37 -6.41
N GLU E 223 57.62 18.48 -5.69
CA GLU E 223 57.13 18.60 -4.32
C GLU E 223 56.02 19.63 -4.19
N ILE E 224 55.19 19.76 -5.22
CA ILE E 224 54.09 20.71 -5.21
C ILE E 224 52.74 19.99 -5.27
N TYR E 225 52.65 18.91 -6.02
CA TYR E 225 51.42 18.14 -6.13
C TYR E 225 51.13 17.18 -4.96
N PRO E 226 52.06 16.30 -4.50
CA PRO E 226 51.65 15.34 -3.46
C PRO E 226 51.38 15.94 -2.11
N LYS E 227 51.97 17.10 -1.79
CA LYS E 227 51.64 17.78 -0.55
C LYS E 227 50.20 18.25 -0.54
N MET E 228 49.76 18.85 -1.66
CA MET E 228 48.37 19.29 -1.77
C MET E 228 47.42 18.10 -1.81
N TYR E 229 47.82 17.02 -2.48
CA TYR E 229 46.96 15.84 -2.56
C TYR E 229 46.80 15.18 -1.21
N HIS E 230 47.86 15.12 -0.41
CA HIS E 230 47.71 14.45 0.86
C HIS E 230 47.11 15.35 1.94
N ILE E 231 47.20 16.67 1.80
CA ILE E 231 46.46 17.51 2.75
C ILE E 231 44.96 17.51 2.43
N CYS E 232 44.58 17.44 1.15
CA CYS E 232 43.16 17.31 0.87
C CYS E 232 42.67 15.90 1.15
N PHE E 233 43.56 14.90 1.07
CA PHE E 233 43.21 13.56 1.49
C PHE E 233 42.99 13.48 3.00
N PHE E 234 43.79 14.22 3.77
CA PHE E 234 43.58 14.29 5.20
C PHE E 234 42.27 14.99 5.54
N LEU E 235 41.90 16.01 4.77
CA LEU E 235 40.61 16.65 5.00
C LEU E 235 39.45 15.75 4.58
N VAL E 236 39.65 14.91 3.57
CA VAL E 236 38.55 14.07 3.11
C VAL E 236 38.34 12.88 4.04
N THR E 237 39.40 12.18 4.40
CA THR E 237 39.21 10.93 5.14
C THR E 237 39.15 11.11 6.65
N TYR E 238 39.51 12.27 7.19
CA TYR E 238 39.39 12.40 8.63
C TYR E 238 38.70 13.67 9.09
N MET E 239 38.97 14.81 8.46
CA MET E 239 38.61 16.06 9.11
C MET E 239 37.16 16.47 8.87
N ALA E 240 36.71 16.54 7.63
CA ALA E 240 35.36 17.02 7.37
C ALA E 240 34.29 16.01 7.81
N PRO E 241 34.52 14.69 7.73
CA PRO E 241 33.72 13.77 8.57
C PRO E 241 33.71 14.09 10.04
N LEU E 242 34.83 14.52 10.63
CA LEU E 242 34.81 14.81 12.06
C LEU E 242 34.03 16.08 12.36
N CYS E 243 34.07 17.08 11.48
CA CYS E 243 33.27 18.28 11.73
C CYS E 243 31.78 18.00 11.59
N LEU E 244 31.39 17.22 10.57
CA LEU E 244 29.98 16.86 10.42
C LEU E 244 29.49 16.00 11.58
N MET E 245 30.33 15.07 12.04
CA MET E 245 29.94 14.19 13.13
C MET E 245 29.87 14.92 14.46
N VAL E 246 30.80 15.85 14.70
CA VAL E 246 30.79 16.63 15.92
C VAL E 246 29.58 17.56 15.97
N LEU E 247 29.23 18.18 14.85
CA LEU E 247 28.03 19.03 14.80
C LEU E 247 26.76 18.23 15.07
N ALA E 248 26.58 17.09 14.37
CA ALA E 248 25.37 16.31 14.50
C ALA E 248 25.21 15.75 15.90
N TYR E 249 26.25 15.11 16.44
CA TYR E 249 26.10 14.50 17.75
C TYR E 249 26.15 15.50 18.88
N LEU E 250 26.70 16.69 18.69
CA LEU E 250 26.61 17.69 19.73
C LEU E 250 25.21 18.28 19.82
N GLN E 251 24.54 18.43 18.67
CA GLN E 251 23.17 18.93 18.75
C GLN E 251 22.18 17.87 19.24
N ILE E 252 22.40 16.60 18.90
CA ILE E 252 21.59 15.54 19.49
C ILE E 252 21.85 15.43 20.99
N PHE E 253 23.08 15.73 21.44
CA PHE E 253 23.32 15.78 22.88
C PHE E 253 22.59 16.94 23.54
N ARG E 254 22.51 18.09 22.85
CA ARG E 254 21.80 19.21 23.44
C ARG E 254 20.30 18.99 23.49
N LYS E 255 19.74 18.25 22.54
CA LYS E 255 18.30 18.01 22.55
C LYS E 255 17.88 16.99 23.61
N LEU E 256 18.72 16.00 23.89
CA LEU E 256 18.34 14.88 24.76
C LEU E 256 18.90 15.02 26.16
N TRP E 257 19.10 16.24 26.64
CA TRP E 257 19.47 16.51 28.03
C TRP E 257 18.62 17.62 28.64
N GLU E 267 7.46 10.85 35.12
CA GLU E 267 7.96 11.00 33.77
C GLU E 267 9.46 10.82 33.72
N ILE E 268 10.10 10.76 34.90
CA ILE E 268 11.55 10.77 34.95
C ILE E 268 12.15 9.44 34.52
N LYS E 269 11.35 8.39 34.40
CA LYS E 269 11.84 7.16 33.80
C LYS E 269 12.19 7.38 32.33
N GLN E 270 11.41 8.21 31.64
CA GLN E 270 11.69 8.53 30.25
C GLN E 270 12.94 9.39 30.12
N ILE E 271 13.15 10.32 31.05
CA ILE E 271 14.33 11.18 31.00
C ILE E 271 15.59 10.36 31.32
N ARG E 272 15.52 9.49 32.32
CA ARG E 272 16.66 8.62 32.61
C ARG E 272 16.84 7.54 31.56
N ALA E 273 15.86 7.29 30.70
CA ALA E 273 16.03 6.36 29.60
C ALA E 273 16.53 7.02 28.33
N ARG E 274 16.26 8.31 28.13
CA ARG E 274 16.79 9.02 26.97
C ARG E 274 18.00 9.87 27.30
N ARG E 275 18.53 9.75 28.52
CA ARG E 275 19.86 10.27 28.82
C ARG E 275 20.96 9.26 28.50
N LYS E 276 20.67 7.96 28.63
CA LYS E 276 21.61 6.92 28.21
C LYS E 276 21.85 6.97 26.71
N THR E 277 20.85 7.42 25.94
CA THR E 277 21.03 7.59 24.51
C THR E 277 22.08 8.64 24.20
N ALA E 278 22.04 9.79 24.89
CA ALA E 278 23.03 10.83 24.64
C ALA E 278 24.41 10.42 25.11
N ARG E 279 24.47 9.66 26.21
CA ARG E 279 25.76 9.13 26.67
C ARG E 279 26.37 8.17 25.65
N MET E 280 25.57 7.26 25.11
CA MET E 280 26.12 6.29 24.17
C MET E 280 26.43 6.94 22.81
N LEU E 281 25.72 8.01 22.45
CA LEU E 281 26.07 8.71 21.22
C LEU E 281 27.39 9.46 21.37
N MET E 282 27.67 10.02 22.55
CA MET E 282 29.00 10.60 22.74
C MET E 282 30.09 9.54 22.82
N VAL E 283 29.75 8.32 23.27
CA VAL E 283 30.71 7.22 23.19
C VAL E 283 31.04 6.86 21.75
N VAL E 284 30.03 6.86 20.87
CA VAL E 284 30.25 6.58 19.45
C VAL E 284 31.14 7.63 18.81
N LEU E 285 30.88 8.91 19.12
CA LEU E 285 31.71 9.99 18.60
C LEU E 285 33.14 9.90 19.11
N LEU E 286 33.34 9.51 20.37
CA LEU E 286 34.70 9.44 20.90
C LEU E 286 35.47 8.26 20.36
N VAL E 287 34.81 7.12 20.15
CA VAL E 287 35.49 5.95 19.59
C VAL E 287 35.93 6.22 18.15
N PHE E 288 35.12 6.98 17.39
CA PHE E 288 35.60 7.36 16.06
C PHE E 288 36.71 8.41 16.15
N ALA E 289 36.59 9.39 17.03
CA ALA E 289 37.52 10.50 17.01
C ALA E 289 38.87 10.16 17.63
N ILE E 290 38.95 9.10 18.43
CA ILE E 290 40.23 8.69 18.97
C ILE E 290 40.92 7.68 18.05
N CYS E 291 40.19 6.70 17.54
CA CYS E 291 40.79 5.61 16.78
C CYS E 291 41.18 5.98 15.37
N TYR E 292 41.09 7.25 14.96
CA TYR E 292 41.62 7.67 13.67
C TYR E 292 42.54 8.86 13.79
N LEU E 293 42.81 9.32 15.01
CA LEU E 293 43.74 10.44 15.19
C LEU E 293 45.19 10.10 14.80
N PRO E 294 45.84 9.05 15.33
CA PRO E 294 47.30 8.97 15.15
C PRO E 294 47.73 8.62 13.75
N ILE E 295 46.97 7.77 13.03
CA ILE E 295 47.34 7.40 11.67
C ILE E 295 47.23 8.60 10.74
N SER E 296 46.21 9.45 10.95
CA SER E 296 46.04 10.58 10.06
C SER E 296 47.03 11.69 10.36
N ILE E 297 47.33 11.94 11.63
CA ILE E 297 48.39 12.92 11.89
C ILE E 297 49.75 12.38 11.50
N LEU E 298 49.96 11.06 11.50
CA LEU E 298 51.22 10.53 11.04
C LEU E 298 51.36 10.65 9.53
N ASN E 299 50.27 10.43 8.79
CA ASN E 299 50.34 10.61 7.35
C ASN E 299 50.54 12.05 6.97
N VAL E 300 49.93 12.99 7.70
CA VAL E 300 50.11 14.39 7.35
C VAL E 300 51.46 14.90 7.85
N LEU E 301 52.10 14.19 8.79
CA LEU E 301 53.47 14.54 9.15
C LEU E 301 54.47 13.97 8.17
N LYS E 302 54.24 12.74 7.71
CA LYS E 302 55.21 12.05 6.87
C LYS E 302 55.12 12.52 5.42
N ARG E 303 53.93 12.43 4.83
CA ARG E 303 53.81 12.65 3.40
C ARG E 303 53.82 14.12 3.01
N VAL E 304 53.76 15.04 3.97
CA VAL E 304 53.63 16.45 3.64
C VAL E 304 54.85 17.24 4.12
N PHE E 305 55.07 17.26 5.42
CA PHE E 305 56.11 18.09 6.01
C PHE E 305 57.49 17.47 5.92
N GLY E 306 57.61 16.26 5.36
CA GLY E 306 58.87 15.61 5.15
C GLY E 306 59.63 15.26 6.41
N MET E 307 58.93 14.80 7.43
CA MET E 307 59.56 14.27 8.61
C MET E 307 59.77 12.77 8.35
N PHE E 308 60.41 12.06 9.29
CA PHE E 308 60.81 10.66 9.20
C PHE E 308 61.76 10.41 8.03
N ALA E 309 62.51 11.44 7.63
CA ALA E 309 63.57 11.24 6.64
C ALA E 309 64.89 10.94 7.33
N HIS E 310 65.32 11.81 8.23
CA HIS E 310 66.59 11.70 8.93
C HIS E 310 66.29 11.47 10.40
N THR E 311 66.11 10.20 10.76
CA THR E 311 65.88 9.81 12.13
C THR E 311 67.04 8.99 12.66
N GLU E 312 67.41 9.23 13.91
CA GLU E 312 68.25 8.29 14.64
C GLU E 312 67.43 7.15 15.23
N ASP E 313 66.10 7.29 15.25
CA ASP E 313 65.18 6.31 15.84
C ASP E 313 64.12 5.90 14.82
N ARG E 314 64.48 4.91 13.98
CA ARG E 314 63.56 4.49 12.93
C ARG E 314 62.64 3.36 13.37
N GLU E 315 63.08 2.52 14.32
CA GLU E 315 62.23 1.44 14.79
C GLU E 315 61.09 1.97 15.64
N THR E 316 61.29 3.12 16.28
CA THR E 316 60.20 3.78 16.99
C THR E 316 59.15 4.28 16.01
N VAL E 317 59.59 4.79 14.86
CA VAL E 317 58.68 5.19 13.79
C VAL E 317 57.89 3.98 13.28
N TYR E 318 58.58 2.85 13.18
CA TYR E 318 57.94 1.63 12.68
C TYR E 318 56.88 1.12 13.66
N ALA E 319 57.19 1.16 14.96
CA ALA E 319 56.22 0.79 15.99
C ALA E 319 55.04 1.75 16.06
N TRP E 320 55.27 3.06 15.89
CA TRP E 320 54.21 4.04 15.75
C TRP E 320 53.25 3.70 14.63
N PHE E 321 53.78 3.35 13.45
CA PHE E 321 52.94 3.05 12.31
C PHE E 321 52.15 1.76 12.48
N THR E 322 52.75 0.69 13.04
CA THR E 322 51.97 -0.52 13.20
C THR E 322 50.93 -0.38 14.31
N PHE E 323 51.21 0.45 15.33
CA PHE E 323 50.19 0.67 16.35
C PHE E 323 49.03 1.50 15.83
N SER E 324 49.31 2.48 14.97
CA SER E 324 48.21 3.27 14.41
C SER E 324 47.35 2.44 13.46
N HIS E 325 47.98 1.55 12.68
CA HIS E 325 47.19 0.66 11.84
C HIS E 325 46.36 -0.31 12.66
N TRP E 326 46.89 -0.77 13.81
CA TRP E 326 46.06 -1.59 14.68
C TRP E 326 44.89 -0.80 15.27
N LEU E 327 45.08 0.51 15.50
CA LEU E 327 43.96 1.33 15.96
C LEU E 327 42.85 1.40 14.91
N VAL E 328 43.24 1.50 13.63
CA VAL E 328 42.24 1.51 12.55
C VAL E 328 41.46 0.20 12.52
N TYR E 329 42.17 -0.92 12.64
CA TYR E 329 41.44 -2.19 12.57
C TYR E 329 40.67 -2.48 13.85
N ALA E 330 41.06 -1.86 14.97
CA ALA E 330 40.26 -1.96 16.18
C ALA E 330 38.95 -1.20 16.03
N ASN E 331 38.99 -0.04 15.37
CA ASN E 331 37.74 0.69 15.11
C ASN E 331 36.85 -0.07 14.15
N SER E 332 37.44 -0.69 13.12
CA SER E 332 36.65 -1.46 12.18
C SER E 332 36.16 -2.77 12.78
N ALA E 333 36.75 -3.20 13.89
CA ALA E 333 36.18 -4.32 14.63
C ALA E 333 35.09 -3.87 15.59
N ALA E 334 35.20 -2.67 16.15
CA ALA E 334 34.27 -2.21 17.16
C ALA E 334 33.02 -1.55 16.59
N ASN E 335 32.99 -1.28 15.29
CA ASN E 335 31.78 -0.71 14.69
C ASN E 335 30.51 -1.55 14.85
N PRO E 336 30.47 -2.87 14.57
CA PRO E 336 29.20 -3.58 14.76
C PRO E 336 28.87 -3.90 16.19
N ILE E 337 29.75 -3.60 17.15
CA ILE E 337 29.37 -3.71 18.55
C ILE E 337 28.63 -2.46 19.00
N ILE E 338 29.22 -1.28 18.78
CA ILE E 338 28.59 -0.05 19.27
C ILE E 338 27.51 0.47 18.34
N TYR E 339 27.36 -0.08 17.15
CA TYR E 339 26.27 0.40 16.30
C TYR E 339 25.07 -0.53 16.29
N ASN E 340 25.25 -1.82 16.53
CA ASN E 340 24.13 -2.77 16.48
C ASN E 340 23.92 -3.52 17.78
N PHE E 341 24.94 -4.20 18.30
CA PHE E 341 24.73 -5.17 19.36
C PHE E 341 24.57 -4.55 20.74
N LEU E 342 24.68 -3.24 20.88
CA LEU E 342 24.45 -2.59 22.17
C LEU E 342 23.08 -1.95 22.26
N SER E 343 22.11 -2.44 21.50
CA SER E 343 20.74 -1.96 21.58
C SER E 343 19.81 -3.14 21.78
N GLY E 344 18.82 -2.98 22.66
CA GLY E 344 17.97 -4.11 23.01
C GLY E 344 17.06 -4.55 21.88
N LYS E 345 16.65 -3.60 21.04
CA LYS E 345 15.79 -3.92 19.91
C LYS E 345 16.52 -4.78 18.89
N PHE E 346 17.80 -4.53 18.67
CA PHE E 346 18.54 -5.35 17.72
C PHE E 346 18.81 -6.75 18.26
N ARG E 347 18.97 -6.89 19.57
CA ARG E 347 19.08 -8.23 20.15
C ARG E 347 17.77 -8.99 20.04
N GLU E 348 16.66 -8.32 20.34
CA GLU E 348 15.36 -8.99 20.27
C GLU E 348 14.92 -9.27 18.83
N GLU E 349 15.46 -8.54 17.85
CA GLU E 349 15.20 -8.84 16.45
C GLU E 349 16.28 -9.69 15.82
N PHE E 350 17.35 -9.98 16.55
CA PHE E 350 18.42 -10.83 16.04
C PHE E 350 18.17 -12.30 16.36
N LYS E 351 17.60 -12.58 17.53
CA LYS E 351 17.34 -13.96 17.94
C LYS E 351 16.14 -14.58 17.24
N ALA E 352 15.43 -13.83 16.41
CA ALA E 352 14.40 -14.36 15.55
C ALA E 352 14.91 -14.72 14.16
N ALA E 353 16.22 -14.94 14.03
CA ALA E 353 16.81 -15.22 12.74
C ALA E 353 18.04 -16.13 12.87
N ASN F 20 65.60 7.40 3.05
CA ASN F 20 64.36 7.63 3.77
C ASN F 20 63.92 6.37 4.48
N HIS F 21 63.91 6.40 5.81
CA HIS F 21 63.59 5.25 6.64
C HIS F 21 62.13 4.82 6.49
N ALA F 22 61.21 5.77 6.62
CA ALA F 22 59.78 5.47 6.57
C ALA F 22 59.28 5.30 5.14
N ALA F 23 59.82 4.31 4.43
CA ALA F 23 59.47 4.06 3.04
C ALA F 23 58.93 2.65 2.91
N GLY F 24 57.85 2.50 2.15
CA GLY F 24 57.24 1.21 1.92
C GLY F 24 56.12 0.84 2.87
N ILE F 25 55.99 1.56 3.99
CA ILE F 25 54.87 1.35 4.90
C ILE F 25 53.62 1.90 4.25
N LEU F 26 52.65 1.01 4.00
CA LEU F 26 51.45 1.39 3.27
C LEU F 26 50.57 2.31 4.09
N THR F 27 50.00 3.31 3.45
CA THR F 27 49.03 4.15 4.12
C THR F 27 47.72 3.39 4.33
N MET F 28 47.08 3.66 5.46
CA MET F 28 45.82 3.04 5.90
C MET F 28 45.85 1.51 5.92
#